data_1RJN
#
_entry.id   1RJN
#
_cell.length_a   112.105
_cell.length_b   114.824
_cell.length_c   87.972
_cell.angle_alpha   90.00
_cell.angle_beta   123.36
_cell.angle_gamma   90.00
#
_symmetry.space_group_name_H-M   'C 1 2 1'
#
loop_
_entity.id
_entity.type
_entity.pdbx_description
1 polymer menB
2 non-polymer 'COENZYME A'
3 non-polymer '3-[4-(2-HYDROXYETHYL)PIPERAZIN-1-YL]PROPANE-1-SULFONIC ACID'
4 water water
#
_entity_poly.entity_id   1
_entity_poly.type   'polypeptide(L)'
_entity_poly.pdbx_seq_one_letter_code
;MSYYHHHHHHNYNIPTTENLYFQGAMVAPAGEQGRSSTALSDNPFDAKAWRLVDGFDDLTDITYHRHVDDATVRVAFNRP
EVRNAFRPHTVDELYRVLDHARMSPDVGVVLLTGNGPSPKDGGWAFCSGGDQRIRGRSGYQYASGDTADTVDVARAGRLH
ILEVQRLIRFMPKVVICLVNGWAAGGGHSLHVVCDLTLASREYARFKQTDADVGSFDGGYGSAYLARQVGQKFAREIFFL
GRTYTAEQMHQMGAVNAVAEHAELETVGLQWAAEINAKSPQAQRMLKFAFNLLDDGLVGQQLFAGEATRLAYMTDEAVEG
RDAFLQKRPPDWSPFPRYF
;
_entity_poly.pdbx_strand_id   A,B,C
#
loop_
_chem_comp.id
_chem_comp.type
_chem_comp.name
_chem_comp.formula
COA non-polymer 'COENZYME A' 'C21 H36 N7 O16 P3 S'
EP1 non-polymer '3-[4-(2-HYDROXYETHYL)PIPERAZIN-1-YL]PROPANE-1-SULFONIC ACID' 'C9 H20 N2 O4 S'
#
# COMPACT_ATOMS: atom_id res chain seq x y z
N ASP A 42 29.38 16.43 -12.75
CA ASP A 42 28.29 15.83 -13.58
C ASP A 42 27.98 14.39 -13.13
N ASN A 43 28.99 13.70 -12.62
CA ASN A 43 28.82 12.32 -12.19
C ASN A 43 28.45 12.23 -10.70
N PRO A 44 27.47 11.38 -10.36
CA PRO A 44 27.01 11.19 -8.98
C PRO A 44 28.13 10.70 -8.06
N PHE A 45 28.99 9.84 -8.61
CA PHE A 45 30.10 9.25 -7.89
C PHE A 45 31.25 10.19 -7.56
N ASP A 46 31.53 10.31 -6.25
CA ASP A 46 32.61 11.14 -5.77
C ASP A 46 33.73 10.21 -5.30
N ALA A 47 34.77 10.06 -6.10
CA ALA A 47 35.87 9.16 -5.77
C ALA A 47 36.57 9.45 -4.45
N LYS A 48 36.51 10.70 -4.00
CA LYS A 48 37.18 11.09 -2.76
C LYS A 48 36.53 10.58 -1.48
N ALA A 49 35.25 10.22 -1.53
CA ALA A 49 34.52 9.74 -0.35
C ALA A 49 34.62 8.24 -0.14
N TRP A 50 35.14 7.51 -1.13
CA TRP A 50 35.22 6.06 -1.03
C TRP A 50 36.60 5.41 -1.13
N ARG A 51 36.72 4.24 -0.52
CA ARG A 51 37.94 3.44 -0.54
C ARG A 51 37.54 2.02 -0.91
N LEU A 52 38.30 1.38 -1.78
CA LEU A 52 37.99 0.02 -2.17
C LEU A 52 38.02 -0.87 -0.94
N VAL A 53 37.14 -1.87 -0.91
CA VAL A 53 37.11 -2.79 0.20
C VAL A 53 38.20 -3.82 -0.04
N ASP A 54 39.04 -4.05 0.95
CA ASP A 54 40.12 -5.02 0.82
C ASP A 54 39.58 -6.43 0.58
N GLY A 55 40.19 -7.13 -0.37
CA GLY A 55 39.78 -8.50 -0.65
C GLY A 55 38.90 -8.67 -1.87
N PHE A 56 38.55 -7.57 -2.52
CA PHE A 56 37.67 -7.72 -3.66
C PHE A 56 38.27 -7.12 -4.88
N ASP A 57 39.58 -7.18 -4.98
CA ASP A 57 40.22 -6.58 -6.11
C ASP A 57 39.89 -7.35 -7.41
N ASP A 58 39.43 -8.63 -7.31
CA ASP A 58 39.11 -9.49 -8.47
C ASP A 58 37.74 -9.28 -9.10
N LEU A 59 36.96 -8.36 -8.55
CA LEU A 59 35.61 -8.09 -9.09
C LEU A 59 35.66 -7.49 -10.49
N THR A 60 34.81 -7.97 -11.37
CA THR A 60 34.77 -7.46 -12.74
C THR A 60 33.44 -6.82 -13.13
N ASP A 61 32.35 -7.33 -12.55
CA ASP A 61 31.02 -6.82 -12.87
C ASP A 61 30.40 -5.95 -11.78
N ILE A 62 31.08 -5.86 -10.64
CA ILE A 62 30.57 -5.09 -9.51
C ILE A 62 31.69 -4.32 -8.83
N THR A 63 31.39 -3.11 -8.34
CA THR A 63 32.38 -2.33 -7.61
C THR A 63 31.90 -2.31 -6.15
N TYR A 64 32.84 -2.29 -5.22
CA TYR A 64 32.51 -2.37 -3.80
C TYR A 64 33.42 -1.43 -3.02
N HIS A 65 32.84 -0.36 -2.50
CA HIS A 65 33.60 0.62 -1.71
C HIS A 65 33.05 0.78 -0.30
N ARG A 66 33.93 1.25 0.57
CA ARG A 66 33.60 1.51 1.96
C ARG A 66 33.84 2.99 2.13
N HIS A 67 32.89 3.70 2.76
CA HIS A 67 33.03 5.13 2.95
C HIS A 67 34.24 5.46 3.82
N VAL A 68 34.90 6.57 3.54
CA VAL A 68 36.07 6.95 4.31
C VAL A 68 35.80 7.23 5.78
N ASP A 69 34.59 7.64 6.12
CA ASP A 69 34.25 7.94 7.53
C ASP A 69 33.05 7.16 8.10
N ASP A 70 31.91 7.27 7.42
CA ASP A 70 30.68 6.62 7.87
C ASP A 70 30.64 5.11 7.71
N ALA A 71 29.73 4.48 8.47
CA ALA A 71 29.54 3.04 8.42
C ALA A 71 28.63 2.73 7.24
N THR A 72 29.08 3.08 6.04
CA THR A 72 28.31 2.89 4.83
C THR A 72 29.17 2.36 3.68
N VAL A 73 28.62 1.42 2.91
CA VAL A 73 29.33 0.88 1.76
C VAL A 73 28.56 1.20 0.49
N ARG A 74 29.24 1.09 -0.64
CA ARG A 74 28.64 1.36 -1.95
C ARG A 74 28.83 0.12 -2.81
N VAL A 75 27.72 -0.48 -3.23
CA VAL A 75 27.73 -1.67 -4.06
C VAL A 75 27.08 -1.27 -5.37
N ALA A 76 27.81 -1.41 -6.47
CA ALA A 76 27.26 -0.99 -7.75
C ALA A 76 27.52 -1.89 -8.94
N PHE A 77 26.55 -1.93 -9.84
CA PHE A 77 26.67 -2.71 -11.05
C PHE A 77 27.74 -2.00 -11.86
N ASN A 78 28.66 -2.76 -12.43
CA ASN A 78 29.77 -2.19 -13.18
C ASN A 78 29.85 -2.67 -14.63
N ARG A 79 28.73 -2.62 -15.32
CA ARG A 79 28.68 -3.02 -16.73
C ARG A 79 27.87 -1.99 -17.49
N PRO A 80 28.28 -0.71 -17.42
CA PRO A 80 27.60 0.39 -18.10
C PRO A 80 27.45 0.19 -19.61
N GLU A 81 28.44 -0.49 -20.20
CA GLU A 81 28.44 -0.74 -21.64
C GLU A 81 27.21 -1.53 -22.07
N VAL A 82 26.62 -2.31 -21.15
CA VAL A 82 25.43 -3.09 -21.48
C VAL A 82 24.26 -2.72 -20.57
N ARG A 83 24.18 -1.44 -20.21
CA ARG A 83 23.10 -0.96 -19.36
C ARG A 83 23.04 -1.69 -18.04
N ASN A 84 24.20 -2.03 -17.50
CA ASN A 84 24.32 -2.71 -16.23
C ASN A 84 23.41 -3.92 -16.07
N ALA A 85 23.24 -4.67 -17.16
CA ALA A 85 22.44 -5.88 -17.12
C ALA A 85 23.30 -6.90 -16.36
N PHE A 86 22.68 -7.90 -15.75
CA PHE A 86 23.46 -8.88 -15.02
C PHE A 86 23.46 -10.27 -15.63
N ARG A 87 24.64 -10.87 -15.67
CA ARG A 87 24.80 -12.23 -16.18
C ARG A 87 25.09 -13.06 -14.94
N PRO A 88 25.00 -14.39 -15.04
CA PRO A 88 25.27 -15.25 -13.88
C PRO A 88 26.48 -14.83 -13.05
N HIS A 89 27.55 -14.44 -13.72
CA HIS A 89 28.76 -14.03 -13.01
C HIS A 89 28.52 -12.78 -12.17
N THR A 90 27.70 -11.88 -12.69
CA THR A 90 27.37 -10.63 -12.01
C THR A 90 26.64 -10.92 -10.70
N VAL A 91 25.71 -11.87 -10.76
CA VAL A 91 24.94 -12.26 -9.59
C VAL A 91 25.85 -12.89 -8.55
N ASP A 92 26.81 -13.70 -9.00
CA ASP A 92 27.76 -14.35 -8.10
C ASP A 92 28.51 -13.30 -7.31
N GLU A 93 29.05 -12.29 -8.01
CA GLU A 93 29.79 -11.23 -7.35
C GLU A 93 28.88 -10.38 -6.47
N LEU A 94 27.68 -10.10 -6.96
CA LEU A 94 26.74 -9.29 -6.20
C LEU A 94 26.43 -9.95 -4.86
N TYR A 95 26.16 -11.25 -4.92
CA TYR A 95 25.85 -11.99 -3.71
C TYR A 95 27.04 -11.98 -2.75
N ARG A 96 28.23 -12.26 -3.28
CA ARG A 96 29.45 -12.28 -2.48
C ARG A 96 29.70 -10.93 -1.78
N VAL A 97 29.53 -9.84 -2.53
CA VAL A 97 29.72 -8.49 -2.00
C VAL A 97 28.71 -8.15 -0.90
N LEU A 98 27.43 -8.39 -1.18
CA LEU A 98 26.37 -8.10 -0.21
C LEU A 98 26.47 -8.99 1.01
N ASP A 99 26.93 -10.22 0.82
CA ASP A 99 27.07 -11.15 1.93
C ASP A 99 28.16 -10.64 2.85
N HIS A 100 29.20 -10.07 2.26
CA HIS A 100 30.30 -9.53 3.04
C HIS A 100 29.85 -8.29 3.81
N ALA A 101 29.08 -7.43 3.16
CA ALA A 101 28.58 -6.24 3.81
C ALA A 101 27.70 -6.65 4.98
N ARG A 102 26.89 -7.69 4.76
CA ARG A 102 26.01 -8.19 5.81
C ARG A 102 26.80 -8.59 7.05
N MET A 103 27.95 -9.23 6.85
CA MET A 103 28.75 -9.68 7.98
C MET A 103 29.77 -8.68 8.49
N SER A 104 29.70 -7.44 8.02
CA SER A 104 30.63 -6.40 8.47
C SER A 104 30.00 -5.66 9.64
N PRO A 105 30.46 -5.96 10.87
CA PRO A 105 29.98 -5.36 12.12
C PRO A 105 29.98 -3.84 12.16
N ASP A 106 30.85 -3.23 11.36
CA ASP A 106 30.96 -1.78 11.35
C ASP A 106 30.21 -1.07 10.22
N VAL A 107 29.38 -1.82 9.49
CA VAL A 107 28.60 -1.24 8.40
C VAL A 107 27.11 -1.28 8.74
N GLY A 108 26.47 -0.12 8.75
CA GLY A 108 25.06 -0.07 9.07
C GLY A 108 24.16 0.22 7.89
N VAL A 109 24.74 0.74 6.81
CA VAL A 109 23.96 1.07 5.62
C VAL A 109 24.64 0.64 4.32
N VAL A 110 23.85 0.12 3.40
CA VAL A 110 24.35 -0.30 2.09
C VAL A 110 23.68 0.51 0.99
N LEU A 111 24.48 1.17 0.16
CA LEU A 111 23.96 1.93 -0.96
C LEU A 111 24.12 1.05 -2.19
N LEU A 112 23.01 0.70 -2.83
CA LEU A 112 23.03 -0.15 -4.01
C LEU A 112 22.69 0.71 -5.23
N THR A 113 23.63 0.82 -6.16
CA THR A 113 23.41 1.64 -7.34
C THR A 113 24.06 1.04 -8.59
N GLY A 114 24.15 1.84 -9.64
CA GLY A 114 24.77 1.38 -10.87
C GLY A 114 25.77 2.42 -11.34
N ASN A 115 26.94 1.99 -11.82
CA ASN A 115 27.93 2.95 -12.31
C ASN A 115 27.57 3.37 -13.73
N GLY A 116 28.04 4.56 -14.12
CA GLY A 116 27.77 5.06 -15.45
C GLY A 116 28.55 6.34 -15.73
N PRO A 117 28.32 6.98 -16.89
CA PRO A 117 27.37 6.53 -17.90
C PRO A 117 27.95 5.45 -18.79
N SER A 118 27.16 5.02 -19.77
CA SER A 118 27.60 4.01 -20.73
C SER A 118 28.61 4.67 -21.66
N PRO A 119 29.78 4.04 -21.85
CA PRO A 119 30.78 4.62 -22.74
C PRO A 119 30.30 4.63 -24.18
N LYS A 120 29.32 3.80 -24.46
CA LYS A 120 28.84 3.75 -25.84
C LYS A 120 27.93 4.86 -26.25
N ASP A 121 27.02 5.19 -25.39
CA ASP A 121 26.09 6.25 -25.76
C ASP A 121 25.77 7.31 -24.72
N GLY A 122 26.53 7.36 -23.64
CA GLY A 122 26.28 8.36 -22.62
C GLY A 122 25.01 8.18 -21.79
N GLY A 123 24.29 7.09 -22.01
CA GLY A 123 23.08 6.86 -21.24
C GLY A 123 23.36 6.46 -19.80
N TRP A 124 22.33 6.45 -18.96
CA TRP A 124 22.48 6.08 -17.56
C TRP A 124 21.59 4.91 -17.15
N ALA A 125 22.10 4.03 -16.29
CA ALA A 125 21.33 2.89 -15.84
C ALA A 125 21.77 2.35 -14.48
N PHE A 126 20.79 2.03 -13.65
CA PHE A 126 21.06 1.45 -12.34
C PHE A 126 21.30 -0.03 -12.66
N CYS A 127 20.32 -0.65 -13.29
CA CYS A 127 20.38 -2.05 -13.67
C CYS A 127 19.23 -2.34 -14.62
N SER A 128 19.53 -2.94 -15.77
CA SER A 128 18.49 -3.23 -16.74
C SER A 128 17.97 -4.66 -16.70
N GLY A 129 18.30 -5.39 -15.64
CA GLY A 129 17.83 -6.76 -15.52
C GLY A 129 18.79 -7.81 -16.03
N GLY A 130 18.27 -9.00 -16.27
CA GLY A 130 19.09 -10.10 -16.74
C GLY A 130 19.62 -9.95 -18.16
N ASP A 131 20.86 -10.41 -18.37
CA ASP A 131 21.51 -10.38 -19.65
C ASP A 131 20.83 -11.40 -20.56
N GLN A 132 20.18 -10.94 -21.63
CA GLN A 132 19.47 -11.83 -22.55
C GLN A 132 20.44 -12.66 -23.41
N ALA A 154 23.12 -29.71 -15.41
CA ALA A 154 22.82 -28.40 -15.99
C ALA A 154 22.25 -27.44 -14.94
N ARG A 155 23.07 -27.09 -13.95
CA ARG A 155 22.65 -26.16 -12.90
C ARG A 155 22.82 -24.72 -13.35
N ALA A 156 22.58 -24.47 -14.64
CA ALA A 156 22.69 -23.13 -15.22
C ALA A 156 21.33 -22.46 -15.04
N GLY A 157 20.41 -23.19 -14.43
CA GLY A 157 19.07 -22.67 -14.18
C GLY A 157 18.88 -22.32 -12.72
N ARG A 158 19.92 -21.74 -12.12
CA ARG A 158 19.90 -21.34 -10.72
C ARG A 158 19.21 -19.99 -10.51
N LEU A 159 18.17 -19.97 -9.68
CA LEU A 159 17.45 -18.75 -9.38
C LEU A 159 18.30 -17.97 -8.38
N HIS A 160 19.50 -17.62 -8.83
CA HIS A 160 20.44 -16.93 -7.98
C HIS A 160 20.01 -15.49 -7.63
N ILE A 161 19.45 -14.75 -8.58
CA ILE A 161 19.04 -13.38 -8.27
C ILE A 161 18.01 -13.36 -7.12
N LEU A 162 17.22 -14.43 -6.99
CA LEU A 162 16.25 -14.50 -5.91
C LEU A 162 16.99 -14.56 -4.57
N GLU A 163 18.12 -15.27 -4.56
CA GLU A 163 18.93 -15.39 -3.36
C GLU A 163 19.45 -14.01 -2.97
N VAL A 164 19.78 -13.20 -3.97
CA VAL A 164 20.27 -11.85 -3.72
C VAL A 164 19.16 -11.03 -3.08
N GLN A 165 17.93 -11.20 -3.56
CA GLN A 165 16.79 -10.46 -3.02
C GLN A 165 16.62 -10.77 -1.53
N ARG A 166 16.64 -12.06 -1.21
CA ARG A 166 16.48 -12.50 0.18
C ARG A 166 17.62 -11.98 1.04
N LEU A 167 18.81 -11.84 0.45
CA LEU A 167 19.96 -11.33 1.18
C LEU A 167 19.72 -9.87 1.57
N ILE A 168 19.20 -9.09 0.62
CA ILE A 168 18.90 -7.69 0.88
C ILE A 168 17.77 -7.59 1.90
N ARG A 169 16.80 -8.48 1.75
CA ARG A 169 15.62 -8.51 2.62
C ARG A 169 15.93 -8.93 4.06
N PHE A 170 16.86 -9.87 4.20
CA PHE A 170 17.20 -10.37 5.53
C PHE A 170 18.39 -9.74 6.24
N MET A 171 19.28 -9.06 5.53
CA MET A 171 20.40 -8.50 6.26
C MET A 171 19.92 -7.44 7.24
N PRO A 172 20.52 -7.43 8.44
CA PRO A 172 20.19 -6.50 9.54
C PRO A 172 20.81 -5.14 9.36
N LYS A 173 20.66 -4.60 8.15
CA LYS A 173 21.21 -3.29 7.80
C LYS A 173 20.23 -2.68 6.82
N VAL A 174 20.20 -1.36 6.75
CA VAL A 174 19.30 -0.71 5.81
C VAL A 174 19.94 -0.64 4.44
N VAL A 175 19.23 -1.12 3.43
CA VAL A 175 19.73 -1.09 2.07
C VAL A 175 18.97 -0.02 1.31
N ILE A 176 19.69 0.99 0.84
CA ILE A 176 19.09 2.07 0.07
C ILE A 176 19.47 1.90 -1.38
N CYS A 177 18.47 1.85 -2.25
CA CYS A 177 18.75 1.73 -3.67
C CYS A 177 18.83 3.14 -4.26
N LEU A 178 19.87 3.39 -5.05
CA LEU A 178 20.03 4.70 -5.68
C LEU A 178 19.84 4.50 -7.17
N VAL A 179 18.65 4.79 -7.65
CA VAL A 179 18.34 4.62 -9.07
C VAL A 179 18.86 5.82 -9.85
N ASN A 180 20.02 5.62 -10.48
CA ASN A 180 20.70 6.65 -11.25
C ASN A 180 20.31 6.62 -12.73
N GLY A 181 19.55 5.61 -13.12
CA GLY A 181 19.15 5.49 -14.52
C GLY A 181 18.07 4.44 -14.67
N TRP A 182 18.12 3.70 -15.77
CA TRP A 182 17.14 2.66 -16.03
C TRP A 182 17.16 1.59 -14.94
N ALA A 183 15.96 1.21 -14.51
CA ALA A 183 15.74 0.15 -13.52
C ALA A 183 14.66 -0.71 -14.19
N ALA A 184 15.08 -1.72 -14.95
CA ALA A 184 14.14 -2.57 -15.66
C ALA A 184 14.24 -4.04 -15.34
N GLY A 185 13.13 -4.75 -15.52
CA GLY A 185 13.11 -6.18 -15.24
C GLY A 185 13.70 -6.49 -13.87
N GLY A 186 14.60 -7.47 -13.83
CA GLY A 186 15.22 -7.84 -12.57
C GLY A 186 15.78 -6.63 -11.83
N GLY A 187 16.27 -5.65 -12.60
CA GLY A 187 16.82 -4.45 -12.01
C GLY A 187 15.75 -3.69 -11.25
N HIS A 188 14.54 -3.64 -11.81
CA HIS A 188 13.44 -2.96 -11.16
C HIS A 188 13.08 -3.68 -9.86
N SER A 189 13.01 -5.00 -9.91
CA SER A 189 12.67 -5.79 -8.73
C SER A 189 13.70 -5.64 -7.62
N LEU A 190 14.96 -5.41 -7.98
CA LEU A 190 15.98 -5.22 -6.96
C LEU A 190 15.69 -3.92 -6.20
N HIS A 191 15.25 -2.90 -6.92
CA HIS A 191 14.92 -1.61 -6.31
C HIS A 191 13.75 -1.78 -5.34
N VAL A 192 12.71 -2.47 -5.78
CA VAL A 192 11.53 -2.71 -4.96
C VAL A 192 11.85 -3.38 -3.62
N VAL A 193 12.71 -4.41 -3.63
CA VAL A 193 13.02 -5.11 -2.40
C VAL A 193 13.90 -4.34 -1.41
N CYS A 194 14.62 -3.33 -1.88
CA CYS A 194 15.44 -2.54 -0.98
C CYS A 194 14.53 -1.82 0.01
N ASP A 195 15.08 -1.46 1.16
CA ASP A 195 14.32 -0.78 2.21
C ASP A 195 13.91 0.63 1.84
N LEU A 196 14.81 1.34 1.15
CA LEU A 196 14.53 2.71 0.74
C LEU A 196 15.03 2.89 -0.69
N THR A 197 14.49 3.90 -1.38
CA THR A 197 14.90 4.20 -2.75
C THR A 197 14.96 5.71 -2.99
N LEU A 198 16.07 6.17 -3.55
CA LEU A 198 16.26 7.56 -3.91
C LEU A 198 16.52 7.48 -5.42
N ALA A 199 15.94 8.40 -6.18
CA ALA A 199 16.09 8.35 -7.64
C ALA A 199 16.52 9.66 -8.31
N SER A 200 17.25 9.53 -9.39
CA SER A 200 17.75 10.66 -10.18
C SER A 200 16.58 11.31 -10.92
N ARG A 201 16.36 12.59 -10.66
CA ARG A 201 15.25 13.29 -11.31
C ARG A 201 15.35 13.24 -12.83
N GLU A 202 16.53 13.55 -13.34
CA GLU A 202 16.77 13.58 -14.77
C GLU A 202 16.87 12.23 -15.48
N TYR A 203 17.54 11.25 -14.87
CA TYR A 203 17.72 9.97 -15.56
C TYR A 203 17.06 8.69 -15.05
N ALA A 204 16.50 8.72 -13.85
CA ALA A 204 15.84 7.52 -13.36
C ALA A 204 14.68 7.14 -14.27
N ARG A 205 14.64 5.87 -14.65
CA ARG A 205 13.57 5.36 -15.50
C ARG A 205 13.17 4.01 -14.95
N PHE A 206 11.91 3.89 -14.55
CA PHE A 206 11.41 2.63 -14.00
C PHE A 206 10.53 1.97 -15.03
N LYS A 207 10.82 0.70 -15.32
CA LYS A 207 10.05 -0.05 -16.29
C LYS A 207 10.07 -1.54 -15.97
N GLN A 208 8.90 -2.12 -15.77
CA GLN A 208 8.81 -3.55 -15.48
C GLN A 208 8.53 -4.24 -16.81
N THR A 209 9.60 -4.79 -17.41
CA THR A 209 9.53 -5.41 -18.74
C THR A 209 9.25 -6.92 -18.81
N ASP A 210 9.28 -7.60 -17.66
CA ASP A 210 9.18 -9.05 -17.62
C ASP A 210 8.22 -9.69 -18.64
N ALA A 211 6.92 -9.39 -18.50
CA ALA A 211 5.91 -9.97 -19.38
C ALA A 211 6.16 -9.86 -20.89
N ASP A 212 6.90 -8.84 -21.33
CA ASP A 212 7.16 -8.72 -22.76
C ASP A 212 7.86 -9.98 -23.29
N VAL A 213 8.84 -10.44 -22.54
CA VAL A 213 9.62 -11.63 -22.89
C VAL A 213 8.92 -12.91 -22.42
N GLY A 214 7.79 -12.76 -21.73
CA GLY A 214 7.08 -13.92 -21.24
C GLY A 214 7.60 -14.41 -19.90
N SER A 215 8.29 -13.52 -19.19
CA SER A 215 8.83 -13.85 -17.87
C SER A 215 8.05 -13.06 -16.80
N PHE A 216 8.34 -13.33 -15.53
CA PHE A 216 7.64 -12.61 -14.47
C PHE A 216 8.21 -12.88 -13.09
N ASP A 217 8.26 -11.84 -12.26
CA ASP A 217 8.75 -11.99 -10.91
C ASP A 217 7.48 -12.00 -10.05
N GLY A 218 7.06 -13.20 -9.66
CA GLY A 218 5.85 -13.31 -8.86
C GLY A 218 6.10 -13.30 -7.37
N GLY A 219 7.18 -12.66 -6.95
CA GLY A 219 7.49 -12.60 -5.51
C GLY A 219 7.65 -11.17 -5.01
N TYR A 220 8.86 -10.82 -4.59
CA TYR A 220 9.13 -9.49 -4.10
C TYR A 220 9.05 -8.45 -5.21
N GLY A 221 9.35 -8.87 -6.44
CA GLY A 221 9.31 -7.92 -7.54
C GLY A 221 7.91 -7.37 -7.77
N SER A 222 6.90 -8.21 -7.60
CA SER A 222 5.52 -7.78 -7.85
C SER A 222 4.63 -7.60 -6.61
N ALA A 223 4.41 -8.67 -5.86
CA ALA A 223 3.57 -8.61 -4.67
C ALA A 223 4.06 -7.53 -3.71
N TYR A 224 5.36 -7.50 -3.46
CA TYR A 224 5.91 -6.52 -2.55
C TYR A 224 5.77 -5.07 -3.07
N LEU A 225 5.67 -4.90 -4.39
CA LEU A 225 5.50 -3.55 -4.94
C LEU A 225 4.12 -3.02 -4.48
N ALA A 226 3.14 -3.92 -4.41
CA ALA A 226 1.79 -3.56 -4.00
C ALA A 226 1.75 -3.05 -2.56
N ARG A 227 2.75 -3.45 -1.76
CA ARG A 227 2.85 -3.03 -0.36
C ARG A 227 3.50 -1.65 -0.23
N GLN A 228 3.81 -1.06 -1.38
CA GLN A 228 4.46 0.25 -1.41
C GLN A 228 3.59 1.27 -2.15
N VAL A 229 3.02 0.86 -3.29
CA VAL A 229 2.19 1.75 -4.08
C VAL A 229 0.72 1.33 -4.14
N GLY A 230 0.37 0.23 -3.49
CA GLY A 230 -1.01 -0.21 -3.53
C GLY A 230 -1.30 -1.16 -4.69
N GLN A 231 -2.39 -1.90 -4.60
CA GLN A 231 -2.75 -2.88 -5.61
C GLN A 231 -3.05 -2.33 -7.02
N LYS A 232 -3.73 -1.19 -7.11
CA LYS A 232 -4.05 -0.61 -8.41
C LYS A 232 -2.78 -0.24 -9.17
N PHE A 233 -1.94 0.58 -8.54
CA PHE A 233 -0.71 1.02 -9.19
C PHE A 233 0.26 -0.11 -9.51
N ALA A 234 0.42 -1.03 -8.56
CA ALA A 234 1.33 -2.15 -8.77
C ALA A 234 0.88 -2.97 -9.97
N ARG A 235 -0.41 -3.23 -10.07
CA ARG A 235 -0.93 -4.02 -11.18
C ARG A 235 -0.69 -3.27 -12.50
N GLU A 236 -0.85 -1.95 -12.46
CA GLU A 236 -0.65 -1.11 -13.64
C GLU A 236 0.80 -1.20 -14.12
N ILE A 237 1.72 -1.03 -13.18
CA ILE A 237 3.15 -1.07 -13.47
C ILE A 237 3.56 -2.36 -14.17
N PHE A 238 3.07 -3.48 -13.68
CA PHE A 238 3.39 -4.78 -14.27
C PHE A 238 2.58 -5.13 -15.53
N PHE A 239 1.27 -4.89 -15.52
CA PHE A 239 0.46 -5.22 -16.68
C PHE A 239 0.78 -4.46 -17.97
N LEU A 240 1.00 -3.15 -17.87
CA LEU A 240 1.30 -2.35 -19.05
C LEU A 240 2.79 -2.22 -19.35
N GLY A 241 3.62 -2.35 -18.31
CA GLY A 241 5.05 -2.24 -18.50
C GLY A 241 5.50 -0.89 -19.03
N ARG A 242 4.82 0.17 -18.60
CA ARG A 242 5.19 1.50 -19.05
C ARG A 242 6.41 2.01 -18.31
N THR A 243 7.00 3.07 -18.85
CA THR A 243 8.19 3.68 -18.27
C THR A 243 7.79 4.87 -17.41
N TYR A 244 8.32 4.91 -16.19
CA TYR A 244 8.02 6.00 -15.26
C TYR A 244 9.26 6.74 -14.79
N THR A 245 9.07 8.01 -14.46
CA THR A 245 10.14 8.86 -13.98
C THR A 245 10.26 8.72 -12.46
N ALA A 246 11.30 9.34 -11.90
CA ALA A 246 11.52 9.32 -10.47
C ALA A 246 10.34 10.00 -9.76
N GLU A 247 9.93 11.14 -10.29
CA GLU A 247 8.83 11.90 -9.71
C GLU A 247 7.51 11.12 -9.68
N GLN A 248 7.18 10.46 -10.79
CA GLN A 248 5.95 9.69 -10.85
C GLN A 248 5.98 8.53 -9.85
N MET A 249 7.13 7.88 -9.78
CA MET A 249 7.28 6.74 -8.88
C MET A 249 7.27 7.22 -7.43
N HIS A 250 7.67 8.47 -7.21
CA HIS A 250 7.66 9.05 -5.87
C HIS A 250 6.20 9.32 -5.48
N GLN A 251 5.42 9.82 -6.43
CA GLN A 251 4.00 10.11 -6.20
C GLN A 251 3.23 8.84 -5.84
N MET A 252 3.59 7.73 -6.49
CA MET A 252 2.91 6.47 -6.22
C MET A 252 3.34 5.82 -4.91
N GLY A 253 4.54 6.15 -4.44
CA GLY A 253 5.00 5.59 -3.18
C GLY A 253 6.15 4.60 -3.20
N ALA A 254 6.77 4.39 -4.36
CA ALA A 254 7.89 3.44 -4.45
C ALA A 254 9.25 4.12 -4.33
N VAL A 255 9.26 5.44 -4.51
CA VAL A 255 10.50 6.22 -4.42
C VAL A 255 10.37 7.19 -3.25
N ASN A 256 11.29 7.07 -2.28
CA ASN A 256 11.25 7.92 -1.10
C ASN A 256 11.49 9.39 -1.40
N ALA A 257 12.46 9.68 -2.26
CA ALA A 257 12.78 11.06 -2.61
C ALA A 257 13.50 11.14 -3.94
N VAL A 258 13.29 12.26 -4.62
CA VAL A 258 13.90 12.53 -5.91
C VAL A 258 15.08 13.46 -5.64
N ALA A 259 16.19 13.23 -6.35
CA ALA A 259 17.37 14.07 -6.16
C ALA A 259 17.97 14.42 -7.50
N GLU A 260 18.71 15.52 -7.55
CA GLU A 260 19.37 15.91 -8.78
C GLU A 260 20.42 14.85 -9.03
N HIS A 261 20.52 14.40 -10.29
CA HIS A 261 21.46 13.38 -10.69
C HIS A 261 22.84 13.46 -10.04
N ALA A 262 23.48 14.62 -10.15
CA ALA A 262 24.82 14.81 -9.58
C ALA A 262 24.87 14.70 -8.06
N GLU A 263 23.73 14.90 -7.41
CA GLU A 263 23.63 14.81 -5.95
C GLU A 263 23.12 13.48 -5.43
N LEU A 264 22.70 12.61 -6.34
CA LEU A 264 22.10 11.35 -5.94
C LEU A 264 22.83 10.62 -4.79
N GLU A 265 24.13 10.39 -4.95
CA GLU A 265 24.89 9.71 -3.93
C GLU A 265 25.15 10.59 -2.71
N THR A 266 25.26 11.89 -2.93
CA THR A 266 25.49 12.82 -1.84
C THR A 266 24.29 12.76 -0.91
N VAL A 267 23.10 12.81 -1.49
CA VAL A 267 21.87 12.74 -0.70
C VAL A 267 21.79 11.37 -0.04
N GLY A 268 22.20 10.34 -0.78
CA GLY A 268 22.18 9.00 -0.25
C GLY A 268 23.07 8.88 0.98
N LEU A 269 24.24 9.49 0.92
CA LEU A 269 25.17 9.47 2.05
C LEU A 269 24.58 10.24 3.22
N GLN A 270 23.83 11.30 2.92
CA GLN A 270 23.20 12.10 3.97
C GLN A 270 22.17 11.20 4.69
N TRP A 271 21.35 10.50 3.91
CA TRP A 271 20.33 9.60 4.45
C TRP A 271 20.98 8.49 5.29
N ALA A 272 22.09 7.95 4.79
CA ALA A 272 22.81 6.89 5.47
C ALA A 272 23.42 7.40 6.78
N ALA A 273 23.86 8.66 6.78
CA ALA A 273 24.47 9.24 7.99
C ALA A 273 23.39 9.39 9.06
N GLU A 274 22.21 9.82 8.65
CA GLU A 274 21.11 9.99 9.60
C GLU A 274 20.67 8.65 10.17
N ILE A 275 20.76 7.61 9.36
CA ILE A 275 20.38 6.28 9.80
C ILE A 275 21.43 5.71 10.76
N ASN A 276 22.70 5.93 10.44
CA ASN A 276 23.79 5.43 11.27
C ASN A 276 23.94 6.16 12.59
N ALA A 277 23.35 7.35 12.70
CA ALA A 277 23.46 8.14 13.92
C ALA A 277 22.54 7.62 15.03
N LYS A 278 21.66 6.70 14.70
CA LYS A 278 20.74 6.15 15.69
C LYS A 278 21.25 4.82 16.23
N SER A 279 20.50 4.26 17.17
CA SER A 279 20.86 2.98 17.76
C SER A 279 20.84 1.84 16.74
N PRO A 280 22.00 1.23 16.45
CA PRO A 280 22.08 0.14 15.49
C PRO A 280 21.10 -0.99 15.82
N GLN A 281 21.00 -1.28 17.10
CA GLN A 281 20.11 -2.30 17.61
C GLN A 281 18.66 -2.01 17.26
N ALA A 282 18.27 -0.75 17.49
CA ALA A 282 16.91 -0.32 17.22
C ALA A 282 16.58 -0.42 15.74
N GLN A 283 17.50 0.07 14.89
CA GLN A 283 17.31 0.03 13.46
C GLN A 283 17.09 -1.40 12.96
N ARG A 284 17.89 -2.30 13.52
CA ARG A 284 17.83 -3.72 13.18
C ARG A 284 16.47 -4.31 13.55
N MET A 285 16.00 -4.01 14.77
CA MET A 285 14.71 -4.48 15.26
C MET A 285 13.58 -3.90 14.40
N LEU A 286 13.70 -2.62 14.06
CA LEU A 286 12.69 -1.94 13.26
C LEU A 286 12.55 -2.56 11.87
N LYS A 287 13.67 -2.87 11.23
CA LYS A 287 13.60 -3.47 9.90
C LYS A 287 12.87 -4.80 9.93
N PHE A 288 13.14 -5.61 10.94
CA PHE A 288 12.48 -6.90 11.01
C PHE A 288 11.03 -6.76 11.45
N ALA A 289 10.72 -5.66 12.14
CA ALA A 289 9.34 -5.42 12.57
C ALA A 289 8.54 -5.16 11.29
N PHE A 290 9.11 -4.35 10.40
CA PHE A 290 8.45 -4.04 9.12
C PHE A 290 8.36 -5.27 8.22
N ASN A 291 9.40 -6.08 8.20
CA ASN A 291 9.40 -7.29 7.38
C ASN A 291 8.41 -8.33 7.93
N LEU A 292 8.38 -8.46 9.25
CA LEU A 292 7.56 -9.44 9.95
C LEU A 292 6.13 -9.54 9.40
N LEU A 293 5.64 -8.42 8.89
CA LEU A 293 4.32 -8.16 8.30
C LEU A 293 3.91 -8.94 7.09
N ASP A 294 4.91 -9.19 6.26
CA ASP A 294 4.65 -9.87 5.04
C ASP A 294 5.48 -11.14 4.91
N ASP A 295 6.52 -11.29 5.74
CA ASP A 295 7.38 -12.48 5.65
C ASP A 295 7.00 -13.69 6.52
N GLY A 296 5.78 -13.70 7.07
CA GLY A 296 5.33 -14.83 7.87
C GLY A 296 6.34 -15.41 8.86
N LEU A 297 6.42 -16.73 8.93
CA LEU A 297 7.35 -17.37 9.86
C LEU A 297 8.81 -16.93 9.69
N VAL A 298 9.22 -16.67 8.46
CA VAL A 298 10.59 -16.24 8.23
C VAL A 298 10.80 -14.90 8.93
N GLY A 299 9.84 -13.99 8.76
CA GLY A 299 9.94 -12.69 9.38
C GLY A 299 9.93 -12.83 10.89
N GLN A 300 9.10 -13.74 11.41
CA GLN A 300 9.05 -13.95 12.85
C GLN A 300 10.39 -14.49 13.33
N GLN A 301 10.97 -15.43 12.58
CA GLN A 301 12.26 -16.01 12.95
C GLN A 301 13.35 -14.94 13.07
N LEU A 302 13.42 -14.05 12.09
CA LEU A 302 14.41 -13.00 12.12
C LEU A 302 14.19 -12.02 13.27
N PHE A 303 12.93 -11.62 13.47
CA PHE A 303 12.63 -10.70 14.55
C PHE A 303 12.86 -11.37 15.91
N ALA A 304 12.32 -12.58 16.07
CA ALA A 304 12.48 -13.32 17.31
C ALA A 304 13.97 -13.53 17.55
N GLY A 305 14.70 -13.82 16.48
CA GLY A 305 16.13 -14.03 16.58
C GLY A 305 16.80 -12.86 17.27
N GLU A 306 16.36 -11.66 16.94
CA GLU A 306 16.93 -10.45 17.54
C GLU A 306 16.54 -10.32 19.01
N ALA A 307 15.31 -10.69 19.35
CA ALA A 307 14.89 -10.61 20.74
C ALA A 307 15.80 -11.54 21.55
N THR A 308 16.14 -12.69 20.96
CA THR A 308 17.01 -13.65 21.61
C THR A 308 18.39 -13.02 21.82
N ARG A 309 18.83 -12.28 20.81
CA ARG A 309 20.12 -11.58 20.84
C ARG A 309 20.22 -10.76 22.12
N LEU A 310 19.15 -10.02 22.42
CA LEU A 310 19.08 -9.17 23.60
C LEU A 310 19.10 -9.97 24.90
N ALA A 311 18.22 -10.96 24.99
CA ALA A 311 18.10 -11.78 26.18
C ALA A 311 19.39 -12.49 26.59
N TYR A 312 20.33 -12.65 25.66
CA TYR A 312 21.60 -13.33 25.96
C TYR A 312 22.48 -12.47 26.85
N MET A 313 22.37 -11.16 26.72
CA MET A 313 23.17 -10.23 27.53
C MET A 313 22.44 -9.83 28.83
N THR A 314 21.41 -10.59 29.19
CA THR A 314 20.56 -10.26 30.34
C THR A 314 20.97 -10.99 31.61
N ASP A 315 20.40 -10.55 32.75
CA ASP A 315 20.68 -11.13 34.08
C ASP A 315 19.99 -12.46 34.28
N GLU A 316 18.68 -12.54 34.02
CA GLU A 316 18.00 -13.83 34.14
C GLU A 316 18.79 -14.79 33.26
N ALA A 317 19.13 -14.25 32.12
CA ALA A 317 19.90 -15.01 31.18
C ALA A 317 21.28 -15.29 31.72
N VAL A 318 21.82 -14.52 32.68
CA VAL A 318 23.20 -14.81 33.12
C VAL A 318 23.24 -15.79 34.24
N GLU A 319 22.64 -15.41 35.37
CA GLU A 319 22.57 -16.34 36.51
C GLU A 319 22.25 -17.70 35.93
N GLY A 320 20.96 -17.89 35.65
CA GLY A 320 20.52 -19.14 35.06
C GLY A 320 21.08 -19.27 33.66
N ARG A 321 22.09 -20.13 33.54
CA ARG A 321 22.80 -20.38 32.28
C ARG A 321 24.02 -21.25 32.52
N ALA B 39 -23.42 15.11 -29.55
CA ALA B 39 -23.40 14.24 -28.34
C ALA B 39 -22.92 12.82 -28.66
N LEU B 40 -23.05 12.38 -29.91
CA LEU B 40 -22.61 11.05 -30.29
C LEU B 40 -21.09 10.93 -30.16
N SER B 41 -20.38 11.85 -30.79
CA SER B 41 -18.92 11.83 -30.75
C SER B 41 -18.39 12.09 -29.35
N ASP B 42 -19.22 12.66 -28.48
CA ASP B 42 -18.79 12.95 -27.12
C ASP B 42 -19.10 11.82 -26.16
N ASN B 43 -19.82 10.81 -26.64
CA ASN B 43 -20.14 9.68 -25.80
C ASN B 43 -18.87 8.83 -25.69
N PRO B 44 -18.60 8.26 -24.52
CA PRO B 44 -17.40 7.44 -24.35
C PRO B 44 -17.41 6.26 -25.33
N PHE B 45 -18.60 5.71 -25.58
CA PHE B 45 -18.74 4.56 -26.47
C PHE B 45 -18.39 4.84 -27.93
N ASP B 46 -17.47 4.04 -28.48
CA ASP B 46 -17.05 4.15 -29.88
C ASP B 46 -17.67 2.95 -30.57
N ALA B 47 -18.81 3.18 -31.22
CA ALA B 47 -19.56 2.13 -31.91
C ALA B 47 -18.83 1.36 -33.02
N LYS B 48 -17.91 2.02 -33.70
CA LYS B 48 -17.19 1.37 -34.78
C LYS B 48 -16.14 0.38 -34.32
N ALA B 49 -15.78 0.45 -33.04
CA ALA B 49 -14.77 -0.43 -32.50
C ALA B 49 -15.30 -1.73 -31.94
N TRP B 50 -16.62 -1.84 -31.82
CA TRP B 50 -17.21 -3.04 -31.25
C TRP B 50 -18.22 -3.80 -32.09
N ARG B 51 -18.35 -5.08 -31.78
CA ARG B 51 -19.30 -5.98 -32.42
C ARG B 51 -20.00 -6.75 -31.29
N LEU B 52 -21.29 -6.95 -31.41
CA LEU B 52 -22.01 -7.68 -30.39
C LEU B 52 -21.46 -9.11 -30.31
N VAL B 53 -21.42 -9.67 -29.11
CA VAL B 53 -20.94 -11.03 -28.94
C VAL B 53 -22.09 -11.94 -29.31
N ASP B 54 -21.83 -12.94 -30.15
CA ASP B 54 -22.89 -13.85 -30.56
C ASP B 54 -23.43 -14.63 -29.38
N GLY B 55 -24.73 -14.83 -29.36
CA GLY B 55 -25.35 -15.61 -28.28
C GLY B 55 -25.91 -14.81 -27.12
N PHE B 56 -25.85 -13.48 -27.20
CA PHE B 56 -26.37 -12.67 -26.11
C PHE B 56 -27.41 -11.63 -26.50
N ASP B 57 -28.25 -11.93 -27.50
CA ASP B 57 -29.27 -10.97 -27.95
C ASP B 57 -30.35 -10.74 -26.89
N ASP B 58 -30.46 -11.69 -26.00
CA ASP B 58 -31.50 -11.61 -25.01
C ASP B 58 -31.16 -10.74 -23.80
N LEU B 59 -29.96 -10.18 -23.77
CA LEU B 59 -29.57 -9.31 -22.66
C LEU B 59 -30.43 -8.05 -22.64
N THR B 60 -30.89 -7.66 -21.45
CA THR B 60 -31.73 -6.46 -21.31
C THR B 60 -31.12 -5.41 -20.39
N ASP B 61 -30.36 -5.86 -19.39
CA ASP B 61 -29.74 -4.96 -18.42
C ASP B 61 -28.25 -4.79 -18.61
N ILE B 62 -27.67 -5.55 -19.52
CA ILE B 62 -26.22 -5.49 -19.76
C ILE B 62 -25.93 -5.54 -21.26
N THR B 63 -24.89 -4.85 -21.71
CA THR B 63 -24.48 -4.93 -23.10
C THR B 63 -23.13 -5.65 -23.09
N TYR B 64 -22.87 -6.43 -24.15
CA TYR B 64 -21.65 -7.22 -24.22
C TYR B 64 -21.08 -7.20 -25.63
N HIS B 65 -19.94 -6.53 -25.79
CA HIS B 65 -19.30 -6.42 -27.09
C HIS B 65 -17.88 -7.00 -27.11
N ARG B 66 -17.46 -7.35 -28.32
CA ARG B 66 -16.12 -7.88 -28.54
C ARG B 66 -15.47 -6.89 -29.48
N HIS B 67 -14.24 -6.50 -29.20
CA HIS B 67 -13.53 -5.55 -30.04
C HIS B 67 -13.33 -6.10 -31.45
N VAL B 68 -13.38 -5.23 -32.44
CA VAL B 68 -13.21 -5.65 -33.82
C VAL B 68 -11.84 -6.27 -34.13
N ASP B 69 -10.80 -5.85 -33.41
CA ASP B 69 -9.45 -6.37 -33.63
C ASP B 69 -8.75 -7.01 -32.42
N ASP B 70 -8.67 -6.26 -31.33
CA ASP B 70 -8.00 -6.72 -30.11
C ASP B 70 -8.74 -7.79 -29.31
N ALA B 71 -7.99 -8.45 -28.43
CA ALA B 71 -8.54 -9.50 -27.57
C ALA B 71 -9.13 -8.82 -26.34
N THR B 72 -10.11 -7.95 -26.58
CA THR B 72 -10.76 -7.18 -25.52
C THR B 72 -12.28 -7.15 -25.67
N VAL B 73 -13.00 -7.28 -24.55
CA VAL B 73 -14.45 -7.20 -24.59
C VAL B 73 -14.91 -6.01 -23.77
N ARG B 74 -16.19 -5.63 -23.95
CA ARG B 74 -16.76 -4.51 -23.24
C ARG B 74 -18.03 -5.01 -22.56
N VAL B 75 -18.07 -4.91 -21.23
CA VAL B 75 -19.22 -5.34 -20.47
C VAL B 75 -19.75 -4.10 -19.77
N ALA B 76 -21.01 -3.76 -20.01
CA ALA B 76 -21.54 -2.54 -19.43
C ALA B 76 -22.96 -2.59 -18.92
N PHE B 77 -23.18 -1.86 -17.83
CA PHE B 77 -24.50 -1.76 -17.23
C PHE B 77 -25.35 -1.00 -18.23
N ASN B 78 -26.54 -1.50 -18.49
CA ASN B 78 -27.41 -0.91 -19.50
C ASN B 78 -28.75 -0.45 -18.95
N ARG B 79 -28.72 0.29 -17.85
CA ARG B 79 -29.94 0.82 -17.24
C ARG B 79 -29.70 2.26 -16.85
N PRO B 80 -29.29 3.11 -17.82
CA PRO B 80 -29.01 4.53 -17.58
C PRO B 80 -30.19 5.29 -16.97
N GLU B 81 -31.40 4.87 -17.31
CA GLU B 81 -32.61 5.52 -16.80
C GLU B 81 -32.67 5.48 -15.27
N VAL B 82 -32.05 4.47 -14.66
CA VAL B 82 -32.02 4.35 -13.21
C VAL B 82 -30.60 4.39 -12.66
N ARG B 83 -29.75 5.18 -13.28
CA ARG B 83 -28.36 5.32 -12.86
C ARG B 83 -27.62 4.00 -12.81
N ASN B 84 -27.94 3.13 -13.77
CA ASN B 84 -27.30 1.82 -13.87
C ASN B 84 -27.25 1.04 -12.56
N ALA B 85 -28.34 1.10 -11.81
CA ALA B 85 -28.45 0.36 -10.56
C ALA B 85 -28.73 -1.07 -10.99
N PHE B 86 -28.35 -2.04 -10.18
CA PHE B 86 -28.60 -3.42 -10.55
C PHE B 86 -29.66 -4.12 -9.73
N ARG B 87 -30.51 -4.87 -10.41
CA ARG B 87 -31.55 -5.66 -9.78
C ARG B 87 -31.09 -7.10 -9.95
N PRO B 88 -31.71 -8.05 -9.23
CA PRO B 88 -31.30 -9.45 -9.34
C PRO B 88 -31.09 -9.93 -10.79
N HIS B 89 -31.94 -9.48 -11.70
CA HIS B 89 -31.81 -9.88 -13.10
C HIS B 89 -30.53 -9.33 -13.71
N THR B 90 -30.15 -8.13 -13.30
CA THR B 90 -28.94 -7.49 -13.80
C THR B 90 -27.72 -8.31 -13.40
N VAL B 91 -27.72 -8.78 -12.16
CA VAL B 91 -26.62 -9.58 -11.64
C VAL B 91 -26.53 -10.91 -12.38
N ASP B 92 -27.68 -11.52 -12.67
CA ASP B 92 -27.73 -12.77 -13.41
C ASP B 92 -27.03 -12.60 -14.76
N GLU B 93 -27.39 -11.55 -15.48
CA GLU B 93 -26.79 -11.29 -16.79
C GLU B 93 -25.31 -10.94 -16.65
N LEU B 94 -24.98 -10.11 -15.65
CA LEU B 94 -23.61 -9.69 -15.44
C LEU B 94 -22.70 -10.89 -15.20
N TYR B 95 -23.18 -11.82 -14.39
CA TYR B 95 -22.43 -13.03 -14.08
C TYR B 95 -22.27 -13.89 -15.34
N ARG B 96 -23.36 -14.09 -16.07
CA ARG B 96 -23.34 -14.89 -17.30
C ARG B 96 -22.34 -14.30 -18.30
N VAL B 97 -22.40 -13.00 -18.52
CA VAL B 97 -21.51 -12.32 -19.46
C VAL B 97 -20.03 -12.45 -19.08
N LEU B 98 -19.71 -12.13 -17.82
CA LEU B 98 -18.34 -12.22 -17.32
C LEU B 98 -17.85 -13.66 -17.32
N ASP B 99 -18.74 -14.61 -17.03
CA ASP B 99 -18.35 -16.00 -17.02
C ASP B 99 -17.95 -16.44 -18.42
N HIS B 100 -18.67 -15.94 -19.41
CA HIS B 100 -18.38 -16.24 -20.81
C HIS B 100 -17.06 -15.61 -21.22
N ALA B 101 -16.81 -14.38 -20.77
CA ALA B 101 -15.57 -13.70 -21.11
C ALA B 101 -14.40 -14.49 -20.49
N ARG B 102 -14.63 -14.99 -19.28
CA ARG B 102 -13.63 -15.77 -18.57
C ARG B 102 -13.23 -17.01 -19.37
N MET B 103 -14.21 -17.66 -19.99
CA MET B 103 -13.93 -18.87 -20.76
C MET B 103 -13.62 -18.64 -22.24
N SER B 104 -13.38 -17.39 -22.62
CA SER B 104 -13.05 -17.08 -24.00
C SER B 104 -11.53 -17.04 -24.15
N PRO B 105 -10.95 -18.12 -24.71
CA PRO B 105 -9.52 -18.27 -24.93
C PRO B 105 -8.85 -17.13 -25.69
N ASP B 106 -9.62 -16.40 -26.48
CA ASP B 106 -9.06 -15.31 -27.26
C ASP B 106 -9.24 -13.91 -26.66
N VAL B 107 -9.74 -13.84 -25.44
CA VAL B 107 -9.95 -12.55 -24.77
C VAL B 107 -8.99 -12.43 -23.57
N GLY B 108 -8.17 -11.38 -23.58
CA GLY B 108 -7.24 -11.19 -22.50
C GLY B 108 -7.56 -10.02 -21.58
N VAL B 109 -8.48 -9.16 -22.00
CA VAL B 109 -8.84 -8.01 -21.20
C VAL B 109 -10.34 -7.74 -21.22
N VAL B 110 -10.88 -7.35 -20.07
CA VAL B 110 -12.30 -7.04 -19.94
C VAL B 110 -12.46 -5.60 -19.48
N LEU B 111 -13.23 -4.83 -20.22
CA LEU B 111 -13.49 -3.45 -19.85
C LEU B 111 -14.89 -3.46 -19.25
N LEU B 112 -14.99 -3.07 -17.99
CA LEU B 112 -16.27 -3.04 -17.28
C LEU B 112 -16.63 -1.57 -17.10
N THR B 113 -17.80 -1.19 -17.61
CA THR B 113 -18.24 0.19 -17.53
C THR B 113 -19.76 0.31 -17.48
N GLY B 114 -20.27 1.52 -17.67
CA GLY B 114 -21.70 1.74 -17.65
C GLY B 114 -22.10 2.58 -18.84
N ASN B 115 -23.20 2.22 -19.51
CA ASN B 115 -23.65 3.00 -20.66
C ASN B 115 -24.39 4.25 -20.19
N GLY B 116 -24.41 5.26 -21.04
CA GLY B 116 -25.09 6.50 -20.70
C GLY B 116 -25.15 7.45 -21.88
N PRO B 117 -25.64 8.68 -21.69
CA PRO B 117 -26.13 9.18 -20.40
C PRO B 117 -27.56 8.74 -20.15
N SER B 118 -28.10 9.19 -19.02
CA SER B 118 -29.45 8.85 -18.66
C SER B 118 -30.44 9.62 -19.50
N PRO B 119 -31.43 8.93 -20.07
CA PRO B 119 -32.47 9.54 -20.90
C PRO B 119 -33.27 10.56 -20.08
N LYS B 120 -33.54 10.24 -18.82
CA LYS B 120 -34.30 11.08 -17.91
C LYS B 120 -33.70 12.48 -17.65
N ASP B 121 -32.41 12.52 -17.34
CA ASP B 121 -31.76 13.79 -17.00
C ASP B 121 -30.38 14.03 -17.60
N GLY B 122 -29.97 13.17 -18.53
CA GLY B 122 -28.66 13.35 -19.14
C GLY B 122 -27.49 13.20 -18.18
N GLY B 123 -27.75 12.54 -17.06
CA GLY B 123 -26.69 12.33 -16.08
C GLY B 123 -25.90 11.08 -16.39
N TRP B 124 -24.69 10.98 -15.85
CA TRP B 124 -23.85 9.82 -16.13
C TRP B 124 -23.62 8.89 -14.92
N ALA B 125 -23.46 7.60 -15.20
CA ALA B 125 -23.22 6.63 -14.13
C ALA B 125 -22.62 5.31 -14.60
N PHE B 126 -21.65 4.83 -13.82
CA PHE B 126 -21.04 3.55 -14.10
C PHE B 126 -22.05 2.57 -13.50
N CYS B 127 -22.26 2.68 -12.19
CA CYS B 127 -23.19 1.82 -11.47
C CYS B 127 -23.51 2.43 -10.10
N SER B 128 -24.79 2.68 -9.86
CA SER B 128 -25.20 3.27 -8.60
C SER B 128 -25.45 2.21 -7.52
N GLY B 129 -25.14 0.96 -7.81
CA GLY B 129 -25.33 -0.09 -6.83
C GLY B 129 -26.66 -0.81 -6.92
N GLY B 130 -27.06 -1.41 -5.81
CA GLY B 130 -28.31 -2.16 -5.76
C GLY B 130 -29.53 -1.33 -6.07
N ASP B 131 -30.53 -1.97 -6.67
CA ASP B 131 -31.77 -1.31 -7.01
C ASP B 131 -32.71 -1.41 -5.80
N GLN B 132 -32.90 -0.30 -5.10
CA GLN B 132 -33.77 -0.30 -3.94
C GLN B 132 -35.23 -0.41 -4.41
N ARG B 133 -35.60 -1.62 -4.82
CA ARG B 133 -36.94 -1.91 -5.30
C ARG B 133 -37.66 -2.78 -4.27
N HIS B 160 -26.09 -13.56 -6.92
CA HIS B 160 -25.60 -12.62 -5.91
C HIS B 160 -24.36 -11.87 -6.39
N ILE B 161 -24.29 -10.59 -6.05
CA ILE B 161 -23.20 -9.71 -6.46
C ILE B 161 -21.82 -10.14 -5.96
N LEU B 162 -21.78 -10.83 -4.82
CA LEU B 162 -20.50 -11.29 -4.28
C LEU B 162 -19.87 -12.31 -5.24
N GLU B 163 -20.73 -13.12 -5.86
CA GLU B 163 -20.26 -14.12 -6.81
C GLU B 163 -19.64 -13.42 -8.03
N VAL B 164 -20.20 -12.27 -8.38
CA VAL B 164 -19.68 -11.52 -9.50
C VAL B 164 -18.30 -10.99 -9.13
N GLN B 165 -18.17 -10.51 -7.89
CA GLN B 165 -16.87 -9.99 -7.43
C GLN B 165 -15.78 -11.06 -7.51
N ARG B 166 -16.09 -12.26 -7.01
CA ARG B 166 -15.13 -13.35 -7.05
C ARG B 166 -14.79 -13.71 -8.49
N LEU B 167 -15.77 -13.62 -9.38
CA LEU B 167 -15.54 -13.92 -10.80
C LEU B 167 -14.51 -12.94 -11.39
N ILE B 168 -14.64 -11.67 -11.05
CA ILE B 168 -13.70 -10.67 -11.54
C ILE B 168 -12.33 -10.90 -10.92
N ARG B 169 -12.34 -11.23 -9.63
CA ARG B 169 -11.13 -11.48 -8.88
C ARG B 169 -10.37 -12.72 -9.35
N PHE B 170 -11.10 -13.77 -9.66
CA PHE B 170 -10.46 -15.03 -10.07
C PHE B 170 -10.22 -15.25 -11.57
N MET B 171 -10.91 -14.52 -12.45
CA MET B 171 -10.67 -14.79 -13.86
C MET B 171 -9.24 -14.45 -14.23
N PRO B 172 -8.61 -15.31 -15.04
CA PRO B 172 -7.22 -15.16 -15.51
C PRO B 172 -7.07 -14.14 -16.60
N LYS B 173 -7.72 -13.00 -16.43
CA LYS B 173 -7.69 -11.92 -17.41
C LYS B 173 -7.71 -10.61 -16.63
N VAL B 174 -7.15 -9.56 -17.20
CA VAL B 174 -7.15 -8.27 -16.53
C VAL B 174 -8.49 -7.58 -16.74
N VAL B 175 -9.12 -7.19 -15.64
CA VAL B 175 -10.41 -6.50 -15.70
C VAL B 175 -10.18 -5.03 -15.36
N ILE B 176 -10.44 -4.16 -16.33
CA ILE B 176 -10.27 -2.73 -16.15
C ILE B 176 -11.66 -2.09 -16.00
N CYS B 177 -11.85 -1.37 -14.90
CA CYS B 177 -13.11 -0.71 -14.68
C CYS B 177 -13.01 0.70 -15.26
N LEU B 178 -13.99 1.09 -16.05
CA LEU B 178 -14.01 2.42 -16.64
C LEU B 178 -15.16 3.18 -15.97
N VAL B 179 -14.82 4.02 -15.00
CA VAL B 179 -15.83 4.78 -14.27
C VAL B 179 -16.18 6.04 -15.04
N ASN B 180 -17.28 5.94 -15.78
CA ASN B 180 -17.79 7.02 -16.63
C ASN B 180 -18.74 7.97 -15.89
N GLY B 181 -19.10 7.61 -14.66
CA GLY B 181 -20.02 8.43 -13.89
C GLY B 181 -20.06 8.00 -12.43
N TRP B 182 -21.24 8.05 -11.83
CA TRP B 182 -21.41 7.66 -10.45
C TRP B 182 -21.04 6.20 -10.24
N ALA B 183 -20.28 5.96 -9.17
CA ALA B 183 -19.88 4.62 -8.75
C ALA B 183 -20.22 4.64 -7.26
N ALA B 184 -21.41 4.15 -6.93
CA ALA B 184 -21.88 4.16 -5.55
C ALA B 184 -22.33 2.81 -5.04
N GLY B 185 -22.21 2.63 -3.72
CA GLY B 185 -22.60 1.37 -3.11
C GLY B 185 -21.97 0.18 -3.81
N GLY B 186 -22.78 -0.82 -4.15
CA GLY B 186 -22.26 -1.99 -4.83
C GLY B 186 -21.45 -1.61 -6.07
N GLY B 187 -21.86 -0.53 -6.72
CA GLY B 187 -21.17 -0.07 -7.91
C GLY B 187 -19.74 0.34 -7.58
N HIS B 188 -19.57 0.99 -6.43
CA HIS B 188 -18.24 1.40 -6.00
C HIS B 188 -17.38 0.17 -5.68
N SER B 189 -17.97 -0.81 -5.00
CA SER B 189 -17.23 -2.02 -4.65
C SER B 189 -16.78 -2.80 -5.90
N LEU B 190 -17.59 -2.76 -6.96
CA LEU B 190 -17.23 -3.45 -8.20
C LEU B 190 -15.96 -2.83 -8.78
N HIS B 191 -15.85 -1.51 -8.69
CA HIS B 191 -14.67 -0.80 -9.18
C HIS B 191 -13.43 -1.19 -8.36
N VAL B 192 -13.58 -1.23 -7.04
CA VAL B 192 -12.48 -1.58 -6.15
C VAL B 192 -11.89 -2.97 -6.45
N VAL B 193 -12.75 -3.95 -6.71
CA VAL B 193 -12.26 -5.31 -6.97
C VAL B 193 -11.63 -5.51 -8.35
N CYS B 194 -11.89 -4.61 -9.29
CA CYS B 194 -11.28 -4.74 -10.61
C CYS B 194 -9.77 -4.54 -10.45
N ASP B 195 -9.01 -5.10 -11.38
CA ASP B 195 -7.56 -5.01 -11.34
C ASP B 195 -7.05 -3.60 -11.57
N LEU B 196 -7.70 -2.88 -12.48
CA LEU B 196 -7.30 -1.52 -12.79
C LEU B 196 -8.55 -0.63 -12.92
N THR B 197 -8.35 0.68 -12.76
CA THR B 197 -9.47 1.61 -12.89
C THR B 197 -9.06 2.90 -13.58
N LEU B 198 -9.86 3.30 -14.54
CA LEU B 198 -9.63 4.54 -15.27
C LEU B 198 -10.93 5.30 -15.02
N ALA B 199 -10.84 6.61 -14.81
CA ALA B 199 -12.04 7.39 -14.52
C ALA B 199 -12.20 8.69 -15.32
N SER B 200 -13.45 9.02 -15.63
CA SER B 200 -13.80 10.23 -16.37
C SER B 200 -13.53 11.45 -15.50
N ARG B 201 -12.68 12.35 -15.99
CA ARG B 201 -12.35 13.54 -15.22
C ARG B 201 -13.57 14.37 -14.87
N GLU B 202 -14.42 14.61 -15.88
CA GLU B 202 -15.62 15.45 -15.70
C GLU B 202 -16.78 14.79 -14.93
N TYR B 203 -17.03 13.50 -15.16
CA TYR B 203 -18.23 12.91 -14.52
C TYR B 203 -18.05 11.75 -13.54
N ALA B 204 -16.85 11.21 -13.40
CA ALA B 204 -16.66 10.14 -12.42
C ALA B 204 -16.96 10.68 -11.01
N ARG B 205 -17.77 9.94 -10.28
CA ARG B 205 -18.12 10.30 -8.91
C ARG B 205 -18.08 9.04 -8.05
N PHE B 206 -17.17 9.02 -7.10
CA PHE B 206 -17.06 7.87 -6.20
C PHE B 206 -17.71 8.21 -4.87
N LYS B 207 -18.59 7.32 -4.42
CA LYS B 207 -19.27 7.53 -3.16
C LYS B 207 -19.68 6.18 -2.56
N GLN B 208 -19.15 5.87 -1.38
CA GLN B 208 -19.51 4.63 -0.72
C GLN B 208 -20.70 4.97 0.17
N THR B 209 -21.89 4.69 -0.36
CA THR B 209 -23.14 4.98 0.33
C THR B 209 -23.68 3.84 1.18
N ASP B 210 -22.90 2.77 1.32
CA ASP B 210 -23.34 1.62 2.10
C ASP B 210 -23.87 1.97 3.49
N ALA B 211 -23.04 2.65 4.29
CA ALA B 211 -23.40 3.00 5.65
C ALA B 211 -24.69 3.81 5.85
N ASP B 212 -24.97 4.83 5.04
CA ASP B 212 -26.23 5.56 5.32
C ASP B 212 -27.47 4.87 4.78
N VAL B 213 -27.32 3.65 4.28
CA VAL B 213 -28.45 2.86 3.79
C VAL B 213 -28.51 1.62 4.69
N GLY B 214 -27.77 1.69 5.80
CA GLY B 214 -27.72 0.62 6.77
C GLY B 214 -27.06 -0.67 6.30
N SER B 215 -26.40 -0.60 5.14
CA SER B 215 -25.73 -1.78 4.58
C SER B 215 -24.21 -1.60 4.60
N PHE B 216 -23.50 -2.64 4.21
CA PHE B 216 -22.04 -2.58 4.19
C PHE B 216 -21.41 -3.75 3.43
N ASP B 217 -20.33 -3.46 2.74
CA ASP B 217 -19.59 -4.48 2.02
C ASP B 217 -18.36 -4.69 2.89
N GLY B 218 -18.39 -5.73 3.72
CA GLY B 218 -17.28 -5.99 4.61
C GLY B 218 -16.15 -6.85 4.09
N GLY B 219 -16.03 -6.98 2.78
CA GLY B 219 -14.99 -7.80 2.18
C GLY B 219 -14.16 -7.07 1.14
N TYR B 220 -14.33 -7.43 -0.12
CA TYR B 220 -13.58 -6.77 -1.18
C TYR B 220 -13.90 -5.29 -1.28
N GLY B 221 -15.17 -4.95 -1.13
CA GLY B 221 -15.53 -3.55 -1.21
C GLY B 221 -14.79 -2.64 -0.24
N SER B 222 -14.60 -3.11 0.99
CA SER B 222 -13.93 -2.29 2.01
C SER B 222 -12.49 -2.67 2.34
N ALA B 223 -12.29 -3.86 2.88
CA ALA B 223 -10.95 -4.31 3.25
C ALA B 223 -9.98 -4.16 2.09
N TYR B 224 -10.40 -4.62 0.91
CA TYR B 224 -9.54 -4.53 -0.26
C TYR B 224 -9.26 -3.09 -0.69
N LEU B 225 -10.14 -2.15 -0.34
CA LEU B 225 -9.90 -0.74 -0.69
C LEU B 225 -8.66 -0.24 0.05
N ALA B 226 -8.48 -0.72 1.29
CA ALA B 226 -7.33 -0.35 2.11
C ALA B 226 -6.02 -0.81 1.48
N ARG B 227 -6.09 -1.86 0.65
CA ARG B 227 -4.89 -2.37 -0.01
C ARG B 227 -4.54 -1.55 -1.25
N GLN B 228 -5.31 -0.49 -1.47
CA GLN B 228 -5.11 0.37 -2.61
C GLN B 228 -4.82 1.81 -2.17
N VAL B 229 -5.57 2.28 -1.18
CA VAL B 229 -5.37 3.64 -0.71
C VAL B 229 -4.87 3.75 0.73
N GLY B 230 -4.66 2.61 1.39
CA GLY B 230 -4.19 2.64 2.77
C GLY B 230 -5.35 2.62 3.75
N GLN B 231 -5.08 2.27 5.00
CA GLN B 231 -6.10 2.20 6.04
C GLN B 231 -6.80 3.53 6.38
N LYS B 232 -6.05 4.62 6.45
CA LYS B 232 -6.65 5.92 6.80
C LYS B 232 -7.68 6.36 5.76
N PHE B 233 -7.28 6.42 4.50
CA PHE B 233 -8.20 6.84 3.43
C PHE B 233 -9.38 5.90 3.26
N ALA B 234 -9.12 4.60 3.29
CA ALA B 234 -10.19 3.62 3.14
C ALA B 234 -11.26 3.80 4.21
N ARG B 235 -10.85 3.99 5.46
CA ARG B 235 -11.79 4.19 6.56
C ARG B 235 -12.57 5.48 6.35
N GLU B 236 -11.89 6.51 5.86
CA GLU B 236 -12.52 7.80 5.59
C GLU B 236 -13.62 7.65 4.54
N ILE B 237 -13.28 7.00 3.43
CA ILE B 237 -14.21 6.77 2.34
C ILE B 237 -15.50 6.09 2.80
N PHE B 238 -15.35 5.06 3.62
CA PHE B 238 -16.49 4.32 4.13
C PHE B 238 -17.23 5.01 5.27
N PHE B 239 -16.50 5.52 6.26
CA PHE B 239 -17.13 6.13 7.42
C PHE B 239 -17.94 7.41 7.12
N LEU B 240 -17.40 8.31 6.31
CA LEU B 240 -18.12 9.55 6.00
C LEU B 240 -19.01 9.45 4.76
N GLY B 241 -18.70 8.53 3.87
CA GLY B 241 -19.50 8.36 2.66
C GLY B 241 -19.51 9.58 1.76
N ARG B 242 -18.42 10.32 1.72
CA ARG B 242 -18.35 11.50 0.89
C ARG B 242 -18.19 11.17 -0.59
N THR B 243 -18.44 12.17 -1.43
CA THR B 243 -18.32 12.01 -2.87
C THR B 243 -16.97 12.51 -3.34
N TYR B 244 -16.28 11.69 -4.14
CA TYR B 244 -14.96 12.07 -4.63
C TYR B 244 -14.89 12.05 -6.15
N THR B 245 -14.01 12.88 -6.68
CA THR B 245 -13.80 12.98 -8.10
C THR B 245 -12.73 11.97 -8.53
N ALA B 246 -12.56 11.84 -9.84
CA ALA B 246 -11.58 10.93 -10.40
C ALA B 246 -10.18 11.33 -9.93
N GLU B 247 -9.90 12.63 -9.98
CA GLU B 247 -8.59 13.15 -9.59
C GLU B 247 -8.25 12.88 -8.12
N GLN B 248 -9.22 13.09 -7.24
CA GLN B 248 -9.02 12.85 -5.81
C GLN B 248 -8.76 11.36 -5.56
N MET B 249 -9.55 10.53 -6.21
CA MET B 249 -9.42 9.08 -6.05
C MET B 249 -8.09 8.60 -6.63
N HIS B 250 -7.60 9.31 -7.64
CA HIS B 250 -6.32 8.97 -8.26
C HIS B 250 -5.19 9.32 -7.30
N GLN B 251 -5.32 10.47 -6.62
CA GLN B 251 -4.33 10.90 -5.65
C GLN B 251 -4.23 9.91 -4.50
N MET B 252 -5.36 9.35 -4.07
CA MET B 252 -5.38 8.39 -2.98
C MET B 252 -4.88 7.00 -3.40
N GLY B 253 -4.92 6.70 -4.69
CA GLY B 253 -4.42 5.41 -5.16
C GLY B 253 -5.42 4.37 -5.63
N ALA B 254 -6.70 4.73 -5.75
CA ALA B 254 -7.72 3.79 -6.19
C ALA B 254 -8.02 3.91 -7.69
N VAL B 255 -7.58 5.01 -8.28
CA VAL B 255 -7.77 5.24 -9.70
C VAL B 255 -6.41 5.34 -10.38
N ASN B 256 -6.14 4.44 -11.33
CA ASN B 256 -4.86 4.42 -12.03
C ASN B 256 -4.60 5.66 -12.86
N ALA B 257 -5.63 6.14 -13.54
CA ALA B 257 -5.49 7.34 -14.36
C ALA B 257 -6.82 8.02 -14.66
N VAL B 258 -6.73 9.33 -14.83
CA VAL B 258 -7.89 10.15 -15.15
C VAL B 258 -7.87 10.41 -16.65
N ALA B 259 -9.03 10.33 -17.28
CA ALA B 259 -9.11 10.58 -18.72
C ALA B 259 -10.29 11.49 -19.02
N GLU B 260 -10.22 12.18 -20.15
CA GLU B 260 -11.32 13.06 -20.56
C GLU B 260 -12.48 12.13 -20.87
N HIS B 261 -13.67 12.51 -20.40
CA HIS B 261 -14.87 11.71 -20.59
C HIS B 261 -15.00 11.04 -21.97
N ALA B 262 -14.93 11.84 -23.04
CA ALA B 262 -15.07 11.32 -24.39
C ALA B 262 -14.00 10.29 -24.76
N GLU B 263 -12.88 10.30 -24.03
CA GLU B 263 -11.77 9.39 -24.31
C GLU B 263 -11.58 8.27 -23.38
N LEU B 264 -12.45 8.19 -22.40
CA LEU B 264 -12.37 7.15 -21.40
C LEU B 264 -12.18 5.75 -21.97
N GLU B 265 -13.02 5.36 -22.93
CA GLU B 265 -12.90 4.03 -23.52
C GLU B 265 -11.74 3.93 -24.50
N THR B 266 -11.41 5.05 -25.15
CA THR B 266 -10.29 5.06 -26.08
C THR B 266 -9.01 4.78 -25.30
N VAL B 267 -8.87 5.45 -24.16
CA VAL B 267 -7.70 5.25 -23.32
C VAL B 267 -7.73 3.82 -22.76
N GLY B 268 -8.93 3.35 -22.43
CA GLY B 268 -9.07 2.01 -21.90
C GLY B 268 -8.64 0.98 -22.93
N LEU B 269 -8.97 1.24 -24.19
CA LEU B 269 -8.59 0.33 -25.26
C LEU B 269 -7.09 0.36 -25.47
N GLN B 270 -6.48 1.53 -25.26
CA GLN B 270 -5.05 1.69 -25.39
C GLN B 270 -4.39 0.82 -24.31
N TRP B 271 -4.86 0.97 -23.07
CA TRP B 271 -4.34 0.20 -21.94
C TRP B 271 -4.49 -1.30 -22.19
N ALA B 272 -5.63 -1.70 -22.73
CA ALA B 272 -5.91 -3.11 -23.00
C ALA B 272 -5.01 -3.66 -24.11
N ALA B 273 -4.68 -2.80 -25.06
CA ALA B 273 -3.81 -3.21 -26.16
C ALA B 273 -2.40 -3.43 -25.64
N GLU B 274 -1.94 -2.57 -24.75
CA GLU B 274 -0.60 -2.72 -24.17
C GLU B 274 -0.52 -3.99 -23.32
N ILE B 275 -1.63 -4.32 -22.64
CA ILE B 275 -1.67 -5.53 -21.81
C ILE B 275 -1.68 -6.77 -22.70
N ASN B 276 -2.47 -6.74 -23.77
CA ASN B 276 -2.58 -7.88 -24.68
C ASN B 276 -1.33 -8.11 -25.52
N ALA B 277 -0.47 -7.11 -25.61
CA ALA B 277 0.75 -7.25 -26.40
C ALA B 277 1.84 -8.08 -25.69
N LYS B 278 1.63 -8.36 -24.41
CA LYS B 278 2.60 -9.15 -23.65
C LYS B 278 2.18 -10.61 -23.60
N SER B 279 3.01 -11.44 -22.97
CA SER B 279 2.74 -12.86 -22.83
C SER B 279 1.48 -13.11 -21.99
N PRO B 280 0.50 -13.78 -22.60
CA PRO B 280 -0.78 -14.06 -21.88
C PRO B 280 -0.59 -14.79 -20.58
N GLN B 281 0.28 -15.74 -20.66
CA GLN B 281 0.59 -16.56 -19.54
C GLN B 281 1.18 -15.76 -18.42
N ALA B 282 2.20 -14.96 -18.75
CA ALA B 282 2.89 -14.12 -17.79
C ALA B 282 1.87 -13.24 -17.07
N GLN B 283 0.98 -12.61 -17.84
CA GLN B 283 -0.04 -11.73 -17.27
C GLN B 283 -0.90 -12.50 -16.28
N ARG B 284 -1.28 -13.71 -16.67
CA ARG B 284 -2.12 -14.58 -15.87
C ARG B 284 -1.42 -14.93 -14.54
N MET B 285 -0.13 -15.28 -14.61
CA MET B 285 0.67 -15.62 -13.43
C MET B 285 0.81 -14.41 -12.52
N LEU B 286 1.04 -13.25 -13.14
CA LEU B 286 1.20 -12.01 -12.40
C LEU B 286 -0.05 -11.65 -11.61
N LYS B 287 -1.22 -11.77 -12.23
CA LYS B 287 -2.46 -11.43 -11.55
C LYS B 287 -2.62 -12.29 -10.30
N PHE B 288 -2.40 -13.59 -10.42
CA PHE B 288 -2.54 -14.46 -9.29
C PHE B 288 -1.43 -14.26 -8.26
N ALA B 289 -0.28 -13.74 -8.70
CA ALA B 289 0.80 -13.47 -7.76
C ALA B 289 0.33 -12.29 -6.88
N PHE B 290 -0.28 -11.28 -7.51
CA PHE B 290 -0.78 -10.13 -6.77
C PHE B 290 -1.94 -10.50 -5.85
N ASN B 291 -2.82 -11.38 -6.32
CA ASN B 291 -3.96 -11.81 -5.51
C ASN B 291 -3.58 -12.72 -4.35
N LEU B 292 -2.52 -13.49 -4.60
CA LEU B 292 -2.04 -14.58 -3.74
C LEU B 292 -2.05 -14.38 -2.22
N LEU B 293 -1.35 -13.35 -1.75
CA LEU B 293 -1.35 -13.24 -0.32
C LEU B 293 -2.64 -12.63 0.28
N ASP B 294 -3.39 -11.75 -0.37
CA ASP B 294 -4.60 -11.28 0.32
C ASP B 294 -5.66 -12.37 0.25
N ASP B 295 -5.56 -13.25 -0.73
CA ASP B 295 -6.57 -14.30 -0.87
C ASP B 295 -6.27 -15.64 -0.20
N GLY B 296 -5.26 -15.67 0.67
CA GLY B 296 -4.92 -16.90 1.39
C GLY B 296 -4.85 -18.17 0.56
N LEU B 297 -5.45 -19.25 1.06
CA LEU B 297 -5.42 -20.51 0.34
C LEU B 297 -6.07 -20.46 -1.03
N VAL B 298 -7.11 -19.64 -1.18
CA VAL B 298 -7.78 -19.53 -2.46
C VAL B 298 -6.79 -18.96 -3.46
N GLY B 299 -6.04 -17.95 -3.05
CA GLY B 299 -5.06 -17.35 -3.93
C GLY B 299 -3.97 -18.36 -4.26
N GLN B 300 -3.58 -19.15 -3.26
CA GLN B 300 -2.54 -20.14 -3.49
C GLN B 300 -3.05 -21.18 -4.46
N GLN B 301 -4.30 -21.60 -4.28
CA GLN B 301 -4.89 -22.59 -5.18
C GLN B 301 -4.88 -22.13 -6.64
N LEU B 302 -5.22 -20.85 -6.88
CA LEU B 302 -5.25 -20.32 -8.24
C LEU B 302 -3.85 -20.20 -8.81
N PHE B 303 -2.92 -19.68 -8.03
CA PHE B 303 -1.56 -19.53 -8.50
C PHE B 303 -0.93 -20.91 -8.72
N ALA B 304 -1.04 -21.77 -7.72
CA ALA B 304 -0.50 -23.12 -7.82
C ALA B 304 -1.14 -23.85 -9.00
N GLY B 305 -2.42 -23.59 -9.23
CA GLY B 305 -3.12 -24.19 -10.35
C GLY B 305 -2.39 -23.88 -11.65
N GLU B 306 -1.97 -22.62 -11.81
CA GLU B 306 -1.25 -22.20 -13.01
C GLU B 306 0.09 -22.93 -13.06
N ALA B 307 0.64 -23.19 -11.87
CA ALA B 307 1.92 -23.86 -11.74
C ALA B 307 1.84 -25.34 -12.14
N THR B 308 0.78 -26.04 -11.72
CA THR B 308 0.65 -27.44 -12.08
C THR B 308 0.46 -27.58 -13.58
N ARG B 309 -0.18 -26.58 -14.20
CA ARG B 309 -0.40 -26.60 -15.64
C ARG B 309 0.92 -26.52 -16.38
N LEU B 310 1.80 -25.63 -15.93
CA LEU B 310 3.11 -25.47 -16.54
C LEU B 310 3.95 -26.74 -16.43
N ALA B 311 3.87 -27.39 -15.27
CA ALA B 311 4.61 -28.62 -15.00
C ALA B 311 4.14 -29.74 -15.92
N TYR B 312 2.83 -29.84 -16.11
CA TYR B 312 2.24 -30.87 -16.93
C TYR B 312 2.83 -30.96 -18.34
N MET B 313 3.19 -29.81 -18.89
CA MET B 313 3.76 -29.72 -20.24
C MET B 313 5.30 -29.80 -20.29
N THR B 314 5.92 -30.39 -19.27
CA THR B 314 7.38 -30.54 -19.24
C THR B 314 7.75 -31.98 -19.59
N ASP B 315 9.00 -32.17 -20.00
CA ASP B 315 9.48 -33.50 -20.36
C ASP B 315 9.40 -34.42 -19.16
N GLU B 316 9.81 -33.93 -17.99
CA GLU B 316 9.75 -34.73 -16.77
C GLU B 316 8.34 -35.22 -16.53
N ALA B 317 7.34 -34.37 -16.76
CA ALA B 317 5.95 -34.76 -16.56
C ALA B 317 5.52 -35.73 -17.66
N VAL B 318 5.98 -35.51 -18.89
CA VAL B 318 5.68 -36.38 -20.00
C VAL B 318 6.12 -37.78 -19.59
N GLU B 319 7.35 -37.83 -19.13
CA GLU B 319 7.90 -39.09 -18.60
C GLU B 319 7.05 -39.30 -17.32
N GLY B 320 6.94 -40.46 -16.68
CA GLY B 320 6.12 -40.47 -15.47
C GLY B 320 4.62 -40.54 -15.76
N ARG B 321 4.22 -39.97 -16.89
CA ARG B 321 2.85 -40.04 -17.35
C ARG B 321 2.91 -41.14 -18.42
N ASP B 322 4.05 -41.23 -19.10
CA ASP B 322 4.29 -42.22 -20.14
C ASP B 322 4.74 -43.52 -19.48
N ALA B 323 5.55 -43.39 -18.44
CA ALA B 323 6.04 -44.57 -17.71
C ALA B 323 4.89 -45.30 -17.04
N PHE B 324 3.84 -44.55 -16.72
CA PHE B 324 2.66 -45.11 -16.05
C PHE B 324 1.86 -46.02 -16.98
N LEU B 325 1.58 -45.54 -18.19
CA LEU B 325 0.82 -46.31 -19.17
C LEU B 325 1.53 -47.60 -19.56
N GLN B 326 2.84 -47.50 -19.77
CA GLN B 326 3.67 -48.65 -20.15
C GLN B 326 4.00 -49.55 -18.96
N LYS B 327 3.24 -49.40 -17.89
CA LYS B 327 3.43 -50.19 -16.68
C LYS B 327 4.89 -50.36 -16.29
N ARG B 328 5.73 -49.40 -16.69
CA ARG B 328 7.14 -49.47 -16.38
C ARG B 328 7.62 -48.28 -15.56
N PRO B 329 8.72 -48.51 -14.77
CA PRO B 329 9.28 -47.47 -13.89
C PRO B 329 9.51 -46.13 -14.49
N PRO B 330 9.21 -45.09 -13.74
CA PRO B 330 9.63 -43.79 -14.24
C PRO B 330 11.17 -43.68 -14.30
N ASP B 331 11.72 -42.82 -15.14
CA ASP B 331 13.15 -42.57 -15.19
C ASP B 331 13.41 -41.07 -15.05
N TRP B 332 13.67 -40.66 -13.81
CA TRP B 332 13.92 -39.26 -13.48
C TRP B 332 15.36 -38.86 -13.75
N SER B 333 16.16 -39.82 -14.20
CA SER B 333 17.58 -39.58 -14.47
C SER B 333 17.88 -38.28 -15.22
N PRO B 334 17.20 -38.05 -16.35
CA PRO B 334 17.42 -36.84 -17.16
C PRO B 334 17.09 -35.49 -16.51
N PHE B 335 16.43 -35.52 -15.35
CA PHE B 335 16.04 -34.27 -14.71
C PHE B 335 16.74 -33.90 -13.41
N PRO B 336 17.47 -32.78 -13.42
CA PRO B 336 18.21 -32.27 -12.27
C PRO B 336 17.30 -31.66 -11.22
N ARG B 337 17.65 -31.78 -9.96
CA ARG B 337 16.91 -31.15 -8.89
C ARG B 337 17.41 -29.71 -8.88
N TYR B 338 16.68 -28.83 -9.56
CA TYR B 338 17.10 -27.44 -9.62
C TYR B 338 17.01 -26.76 -8.26
N PHE B 339 17.95 -25.86 -8.00
CA PHE B 339 17.99 -25.13 -6.75
C PHE B 339 18.03 -23.63 -6.99
N ALA C 39 -4.93 34.89 21.13
CA ALA C 39 -6.38 35.00 20.79
C ALA C 39 -7.11 33.69 21.10
N LEU C 40 -8.11 33.79 21.96
CA LEU C 40 -8.93 32.65 22.35
C LEU C 40 -9.73 32.14 21.14
N SER C 41 -9.95 33.03 20.18
CA SER C 41 -10.70 32.66 18.98
C SER C 41 -9.81 31.89 18.03
N ASP C 42 -8.50 32.04 18.18
CA ASP C 42 -7.57 31.32 17.32
C ASP C 42 -7.21 29.94 17.88
N ASN C 43 -7.79 29.59 19.03
CA ASN C 43 -7.55 28.29 19.65
C ASN C 43 -8.50 27.28 19.01
N PRO C 44 -7.99 26.06 18.74
CA PRO C 44 -8.80 25.00 18.12
C PRO C 44 -10.04 24.66 18.94
N PHE C 45 -9.93 24.84 20.25
CA PHE C 45 -11.02 24.53 21.17
C PHE C 45 -12.19 25.51 21.11
N ASP C 46 -13.37 25.00 20.80
CA ASP C 46 -14.60 25.79 20.75
C ASP C 46 -15.35 25.49 22.05
N ALA C 47 -15.06 26.29 23.09
CA ALA C 47 -15.68 26.11 24.40
C ALA C 47 -17.19 25.93 24.46
N LYS C 48 -17.93 26.72 23.69
CA LYS C 48 -19.40 26.62 23.71
C LYS C 48 -19.96 25.32 23.15
N ALA C 49 -19.14 24.57 22.43
CA ALA C 49 -19.60 23.32 21.85
C ALA C 49 -19.47 22.12 22.79
N TRP C 50 -18.80 22.31 23.92
CA TRP C 50 -18.60 21.19 24.83
C TRP C 50 -19.08 21.35 26.28
N ARG C 51 -19.35 20.21 26.90
CA ARG C 51 -19.76 20.15 28.30
C ARG C 51 -18.92 19.07 28.96
N LEU C 52 -18.43 19.34 30.16
CA LEU C 52 -17.64 18.36 30.89
C LEU C 52 -18.47 17.11 31.12
N VAL C 53 -17.82 15.95 31.03
CA VAL C 53 -18.53 14.70 31.26
C VAL C 53 -18.63 14.54 32.76
N ASP C 54 -19.81 14.20 33.24
CA ASP C 54 -20.01 14.01 34.68
C ASP C 54 -19.21 12.83 35.20
N GLY C 55 -18.63 13.00 36.38
CA GLY C 55 -17.85 11.92 36.99
C GLY C 55 -16.36 11.98 36.77
N PHE C 56 -15.86 13.01 36.11
CA PHE C 56 -14.42 13.10 35.86
C PHE C 56 -13.78 14.40 36.33
N ASP C 57 -14.25 14.97 37.45
CA ASP C 57 -13.69 16.23 37.95
C ASP C 57 -12.31 16.06 38.50
N ASP C 58 -11.95 14.82 38.78
CA ASP C 58 -10.66 14.57 39.36
C ASP C 58 -9.53 14.46 38.34
N LEU C 59 -9.85 14.54 37.05
CA LEU C 59 -8.82 14.44 36.02
C LEU C 59 -7.84 15.60 36.13
N THR C 60 -6.55 15.31 35.98
CA THR C 60 -5.53 16.35 36.06
C THR C 60 -4.69 16.44 34.79
N ASP C 61 -4.49 15.30 34.13
CA ASP C 61 -3.65 15.22 32.93
C ASP C 61 -4.43 15.09 31.63
N ILE C 62 -5.74 14.91 31.75
CA ILE C 62 -6.61 14.72 30.60
C ILE C 62 -7.92 15.49 30.76
N THR C 63 -8.43 16.07 29.67
CA THR C 63 -9.74 16.74 29.73
C THR C 63 -10.70 15.84 28.96
N TYR C 64 -11.95 15.81 29.40
CA TYR C 64 -12.95 14.95 28.78
C TYR C 64 -14.28 15.68 28.64
N HIS C 65 -14.67 15.98 27.41
CA HIS C 65 -15.92 16.68 27.14
C HIS C 65 -16.87 15.88 26.26
N ARG C 66 -18.15 16.22 26.38
CA ARG C 66 -19.20 15.61 25.58
C ARG C 66 -19.82 16.76 24.78
N HIS C 67 -19.99 16.56 23.48
CA HIS C 67 -20.57 17.62 22.64
C HIS C 67 -21.98 17.98 23.09
N VAL C 68 -22.34 19.26 22.97
CA VAL C 68 -23.66 19.71 23.37
C VAL C 68 -24.81 19.08 22.60
N ASP C 69 -24.58 18.77 21.32
CA ASP C 69 -25.62 18.13 20.51
C ASP C 69 -25.27 16.72 19.98
N ASP C 70 -24.17 16.64 19.22
CA ASP C 70 -23.76 15.40 18.53
C ASP C 70 -23.27 14.30 19.47
N ALA C 71 -23.27 13.07 18.99
CA ALA C 71 -22.82 11.88 19.75
C ALA C 71 -21.30 11.81 19.59
N THR C 72 -20.64 12.84 20.07
CA THR C 72 -19.19 12.96 19.96
C THR C 72 -18.56 13.46 21.25
N VAL C 73 -17.41 12.90 21.63
CA VAL C 73 -16.70 13.33 22.82
C VAL C 73 -15.34 13.86 22.42
N ARG C 74 -14.71 14.61 23.33
CA ARG C 74 -13.40 15.18 23.10
C ARG C 74 -12.49 14.73 24.24
N VAL C 75 -11.45 13.99 23.88
CA VAL C 75 -10.48 13.49 24.84
C VAL C 75 -9.15 14.14 24.49
N ALA C 76 -8.58 14.89 25.43
CA ALA C 76 -7.33 15.58 25.14
C ALA C 76 -6.28 15.56 26.23
N PHE C 77 -5.03 15.54 25.80
CA PHE C 77 -3.90 15.58 26.71
C PHE C 77 -3.94 16.98 27.32
N ASN C 78 -3.78 17.05 28.64
CA ASN C 78 -3.84 18.32 29.33
C ASN C 78 -2.57 18.70 30.07
N ARG C 79 -1.43 18.61 29.40
CA ARG C 79 -0.14 18.96 30.00
C ARG C 79 0.67 19.76 28.99
N PRO C 80 0.12 20.87 28.49
CA PRO C 80 0.79 21.73 27.50
C PRO C 80 2.14 22.23 27.97
N GLU C 81 2.28 22.44 29.29
CA GLU C 81 3.52 22.93 29.86
C GLU C 81 4.70 22.01 29.56
N VAL C 82 4.41 20.73 29.34
CA VAL C 82 5.45 19.76 29.01
C VAL C 82 5.19 19.08 27.67
N ARG C 83 4.67 19.86 26.71
CA ARG C 83 4.39 19.35 25.37
C ARG C 83 3.50 18.12 25.39
N ASN C 84 2.54 18.13 26.30
CA ASN C 84 1.60 17.03 26.44
C ASN C 84 2.22 15.64 26.47
N ALA C 85 3.37 15.53 27.11
CA ALA C 85 4.03 14.24 27.25
C ALA C 85 3.21 13.48 28.28
N PHE C 86 3.21 12.17 28.23
CA PHE C 86 2.44 11.40 29.19
C PHE C 86 3.29 10.65 30.22
N ARG C 87 2.84 10.71 31.46
CA ARG C 87 3.50 10.00 32.55
C ARG C 87 2.51 8.91 32.93
N PRO C 88 2.95 7.89 33.69
CA PRO C 88 2.06 6.80 34.08
C PRO C 88 0.66 7.24 34.50
N HIS C 89 0.58 8.35 35.23
CA HIS C 89 -0.72 8.85 35.68
C HIS C 89 -1.56 9.31 34.50
N THR C 90 -0.93 9.87 33.48
CA THR C 90 -1.63 10.36 32.30
C THR C 90 -2.26 9.17 31.57
N VAL C 91 -1.51 8.07 31.46
CA VAL C 91 -2.01 6.88 30.80
C VAL C 91 -3.21 6.31 31.56
N ASP C 92 -3.13 6.29 32.89
CA ASP C 92 -4.23 5.78 33.72
C ASP C 92 -5.52 6.57 33.41
N GLU C 93 -5.42 7.89 33.40
CA GLU C 93 -6.59 8.71 33.11
C GLU C 93 -7.05 8.53 31.67
N LEU C 94 -6.09 8.48 30.74
CA LEU C 94 -6.43 8.32 29.33
C LEU C 94 -7.22 7.04 29.11
N TYR C 95 -6.76 5.95 29.71
CA TYR C 95 -7.43 4.67 29.58
C TYR C 95 -8.83 4.75 30.19
N ARG C 96 -8.93 5.29 31.40
CA ARG C 96 -10.21 5.42 32.07
C ARG C 96 -11.22 6.22 31.25
N VAL C 97 -10.76 7.33 30.68
CA VAL C 97 -11.62 8.18 29.86
C VAL C 97 -12.09 7.46 28.59
N LEU C 98 -11.16 6.88 27.85
CA LEU C 98 -11.49 6.18 26.62
C LEU C 98 -12.39 4.98 26.90
N ASP C 99 -12.13 4.30 28.01
CA ASP C 99 -12.93 3.13 28.37
C ASP C 99 -14.38 3.57 28.61
N HIS C 100 -14.53 4.72 29.24
CA HIS C 100 -15.87 5.25 29.50
C HIS C 100 -16.56 5.63 28.18
N ALA C 101 -15.81 6.26 27.28
CA ALA C 101 -16.38 6.64 25.99
C ALA C 101 -16.80 5.36 25.25
N ARG C 102 -15.97 4.33 25.34
CA ARG C 102 -16.26 3.05 24.69
C ARG C 102 -17.61 2.49 25.15
N MET C 103 -17.89 2.62 26.45
CA MET C 103 -19.12 2.08 27.01
C MET C 103 -20.30 3.06 27.01
N SER C 104 -20.15 4.20 26.34
CA SER C 104 -21.24 5.16 26.27
C SER C 104 -22.06 4.88 25.02
N PRO C 105 -23.25 4.26 25.19
CA PRO C 105 -24.16 3.90 24.11
C PRO C 105 -24.56 5.03 23.17
N ASP C 106 -24.47 6.27 23.66
CA ASP C 106 -24.87 7.43 22.89
C ASP C 106 -23.71 8.18 22.21
N VAL C 107 -22.51 7.63 22.28
CA VAL C 107 -21.35 8.25 21.66
C VAL C 107 -20.88 7.38 20.47
N GLY C 108 -20.80 7.98 19.29
CA GLY C 108 -20.36 7.24 18.13
C GLY C 108 -18.98 7.65 17.63
N VAL C 109 -18.47 8.80 18.08
CA VAL C 109 -17.18 9.27 17.63
C VAL C 109 -16.37 9.86 18.77
N VAL C 110 -15.06 9.61 18.74
CA VAL C 110 -14.15 10.13 19.75
C VAL C 110 -13.09 10.99 19.07
N LEU C 111 -12.96 12.23 19.51
CA LEU C 111 -11.96 13.13 18.98
C LEU C 111 -10.82 13.11 20.00
N LEU C 112 -9.64 12.68 19.56
CA LEU C 112 -8.47 12.60 20.43
C LEU C 112 -7.51 13.68 19.99
N THR C 113 -7.18 14.60 20.91
CA THR C 113 -6.29 15.69 20.56
C THR C 113 -5.47 16.14 21.79
N GLY C 114 -4.83 17.28 21.68
CA GLY C 114 -4.04 17.81 22.77
C GLY C 114 -4.37 19.28 23.00
N ASN C 115 -4.50 19.69 24.26
CA ASN C 115 -4.81 21.08 24.55
C ASN C 115 -3.56 21.92 24.43
N GLY C 116 -3.74 23.21 24.20
CA GLY C 116 -2.63 24.12 24.08
C GLY C 116 -3.08 25.57 23.97
N PRO C 117 -2.14 26.50 23.74
CA PRO C 117 -0.72 26.23 23.58
C PRO C 117 -0.03 26.08 24.93
N SER C 118 1.28 25.85 24.89
CA SER C 118 2.05 25.73 26.10
C SER C 118 2.10 27.11 26.76
N PRO C 119 1.70 27.19 28.04
CA PRO C 119 1.73 28.48 28.74
C PRO C 119 3.18 28.95 28.88
N LYS C 120 4.10 27.99 28.81
CA LYS C 120 5.54 28.29 28.94
C LYS C 120 6.23 28.88 27.71
N ASP C 121 5.96 28.34 26.53
CA ASP C 121 6.62 28.84 25.33
C ASP C 121 5.70 29.13 24.15
N GLY C 122 4.39 28.98 24.36
CA GLY C 122 3.45 29.24 23.29
C GLY C 122 3.42 28.21 22.18
N GLY C 123 4.20 27.14 22.33
CA GLY C 123 4.25 26.08 21.33
C GLY C 123 3.02 25.21 21.35
N TRP C 124 2.85 24.38 20.31
CA TRP C 124 1.70 23.49 20.23
C TRP C 124 2.10 22.02 20.23
N ALA C 125 1.28 21.20 20.86
CA ALA C 125 1.55 19.78 20.90
C ALA C 125 0.33 18.93 21.11
N PHE C 126 0.26 17.82 20.38
CA PHE C 126 -0.80 16.86 20.53
C PHE C 126 -0.34 15.93 21.66
N CYS C 127 0.85 15.35 21.49
CA CYS C 127 1.45 14.46 22.48
C CYS C 127 2.89 14.17 22.07
N SER C 128 3.83 14.56 22.93
CA SER C 128 5.24 14.38 22.65
C SER C 128 5.78 13.04 23.11
N GLY C 129 4.89 12.15 23.53
CA GLY C 129 5.32 10.83 23.98
C GLY C 129 5.51 10.68 25.48
N GLY C 130 6.20 9.60 25.87
CA GLY C 130 6.45 9.34 27.28
C GLY C 130 7.24 10.45 27.94
N ASP C 131 7.05 10.62 29.24
CA ASP C 131 7.74 11.67 29.98
C ASP C 131 9.20 11.31 30.25
N LEU C 159 -1.19 1.52 34.18
CA LEU C 159 -1.04 0.55 33.10
C LEU C 159 -0.23 1.09 31.94
N HIS C 160 -0.05 0.28 30.90
CA HIS C 160 0.74 0.69 29.75
C HIS C 160 -0.01 1.33 28.59
N ILE C 161 0.73 2.13 27.84
CA ILE C 161 0.22 2.84 26.67
C ILE C 161 -0.24 1.87 25.58
N LEU C 162 0.29 0.65 25.58
CA LEU C 162 -0.12 -0.33 24.58
C LEU C 162 -1.58 -0.68 24.79
N GLU C 163 -1.98 -0.74 26.06
CA GLU C 163 -3.35 -1.06 26.39
C GLU C 163 -4.27 0.03 25.85
N VAL C 164 -3.78 1.27 25.86
CA VAL C 164 -4.56 2.40 25.35
C VAL C 164 -4.72 2.23 23.84
N GLN C 165 -3.66 1.82 23.15
CA GLN C 165 -3.71 1.61 21.72
C GLN C 165 -4.76 0.55 21.35
N ARG C 166 -4.74 -0.57 22.06
CA ARG C 166 -5.69 -1.64 21.80
C ARG C 166 -7.11 -1.16 22.06
N LEU C 167 -7.28 -0.29 23.05
CA LEU C 167 -8.60 0.25 23.38
C LEU C 167 -9.13 1.06 22.20
N ILE C 168 -8.28 1.90 21.63
CA ILE C 168 -8.66 2.71 20.49
C ILE C 168 -8.97 1.80 19.31
N ARG C 169 -8.10 0.80 19.12
CA ARG C 169 -8.24 -0.15 18.03
C ARG C 169 -9.51 -0.99 18.11
N PHE C 170 -9.85 -1.44 19.31
CA PHE C 170 -11.01 -2.30 19.50
C PHE C 170 -12.36 -1.65 19.80
N MET C 171 -12.37 -0.40 20.24
CA MET C 171 -13.68 0.16 20.54
C MET C 171 -14.51 0.29 19.28
N PRO C 172 -15.80 -0.04 19.37
CA PRO C 172 -16.77 0.02 18.26
C PRO C 172 -17.24 1.43 17.96
N LYS C 173 -16.29 2.35 17.89
CA LYS C 173 -16.57 3.75 17.62
C LYS C 173 -15.40 4.28 16.79
N VAL C 174 -15.66 5.30 15.97
CA VAL C 174 -14.59 5.86 15.17
C VAL C 174 -13.79 6.86 16.00
N VAL C 175 -12.49 6.66 16.02
CA VAL C 175 -11.61 7.54 16.78
C VAL C 175 -10.84 8.40 15.80
N ILE C 176 -11.04 9.70 15.87
CA ILE C 176 -10.37 10.62 14.99
C ILE C 176 -9.30 11.37 15.79
N CYS C 177 -8.06 11.29 15.32
CA CYS C 177 -6.99 11.99 15.99
C CYS C 177 -6.85 13.38 15.37
N LEU C 178 -6.85 14.41 16.21
CA LEU C 178 -6.69 15.76 15.73
C LEU C 178 -5.31 16.24 16.15
N VAL C 179 -4.36 16.19 15.24
CA VAL C 179 -2.99 16.61 15.51
C VAL C 179 -2.87 18.11 15.39
N ASN C 180 -2.92 18.77 16.54
CA ASN C 180 -2.85 20.23 16.65
C ASN C 180 -1.41 20.73 16.78
N GLY C 181 -0.46 19.82 16.95
CA GLY C 181 0.93 20.23 17.11
C GLY C 181 1.87 19.04 16.99
N TRP C 182 2.90 19.02 17.83
CA TRP C 182 3.85 17.92 17.80
C TRP C 182 3.22 16.58 18.16
N ALA C 183 3.51 15.57 17.35
CA ALA C 183 3.06 14.20 17.56
C ALA C 183 4.37 13.43 17.45
N ALA C 184 5.00 13.16 18.58
CA ALA C 184 6.30 12.48 18.60
C ALA C 184 6.32 11.25 19.49
N GLY C 185 7.20 10.31 19.15
CA GLY C 185 7.31 9.08 19.92
C GLY C 185 5.96 8.44 20.15
N GLY C 186 5.67 8.08 21.40
CA GLY C 186 4.40 7.47 21.71
C GLY C 186 3.23 8.28 21.18
N GLY C 187 3.39 9.60 21.17
CA GLY C 187 2.33 10.46 20.67
C GLY C 187 2.06 10.20 19.20
N HIS C 188 3.12 9.99 18.43
CA HIS C 188 2.98 9.71 17.01
C HIS C 188 2.27 8.37 16.82
N SER C 189 2.65 7.38 17.62
CA SER C 189 2.03 6.06 17.51
C SER C 189 0.56 6.09 17.84
N LEU C 190 0.16 7.00 18.73
CA LEU C 190 -1.26 7.10 19.08
C LEU C 190 -2.05 7.59 17.86
N HIS C 191 -1.44 8.50 17.10
CA HIS C 191 -2.09 9.04 15.91
C HIS C 191 -2.26 7.93 14.86
N VAL C 192 -1.18 7.17 14.63
CA VAL C 192 -1.20 6.09 13.66
C VAL C 192 -2.32 5.08 13.93
N VAL C 193 -2.52 4.68 15.18
CA VAL C 193 -3.54 3.69 15.49
C VAL C 193 -5.00 4.20 15.43
N CYS C 194 -5.18 5.52 15.44
CA CYS C 194 -6.54 6.05 15.35
C CYS C 194 -7.06 5.75 13.94
N ASP C 195 -8.39 5.64 13.81
CA ASP C 195 -9.04 5.35 12.54
C ASP C 195 -8.84 6.42 11.49
N LEU C 196 -8.90 7.68 11.91
CA LEU C 196 -8.72 8.80 11.00
C LEU C 196 -7.88 9.87 11.66
N THR C 197 -7.23 10.70 10.85
CA THR C 197 -6.41 11.77 11.37
C THR C 197 -6.58 13.07 10.57
N LEU C 198 -6.76 14.17 11.30
CA LEU C 198 -6.87 15.49 10.70
C LEU C 198 -5.73 16.24 11.35
N ALA C 199 -5.01 17.07 10.60
CA ALA C 199 -3.88 17.79 11.16
C ALA C 199 -3.86 19.28 10.88
N SER C 200 -3.32 20.03 11.84
CA SER C 200 -3.18 21.47 11.75
C SER C 200 -2.12 21.81 10.69
N ARG C 201 -2.50 22.59 9.69
CA ARG C 201 -1.56 22.93 8.63
C ARG C 201 -0.35 23.68 9.16
N GLU C 202 -0.59 24.67 10.03
CA GLU C 202 0.48 25.48 10.57
C GLU C 202 1.35 24.83 11.65
N TYR C 203 0.70 24.10 12.58
CA TYR C 203 1.51 23.55 13.69
C TYR C 203 1.68 22.03 13.82
N ALA C 204 0.99 21.22 13.02
CA ALA C 204 1.18 19.79 13.14
C ALA C 204 2.62 19.44 12.78
N ARG C 205 3.25 18.61 13.61
CA ARG C 205 4.62 18.17 13.37
C ARG C 205 4.68 16.69 13.73
N PHE C 206 4.99 15.87 12.74
CA PHE C 206 5.08 14.42 12.94
C PHE C 206 6.56 14.03 12.97
N LYS C 207 6.94 13.32 14.03
CA LYS C 207 8.32 12.89 14.20
C LYS C 207 8.35 11.62 15.01
N GLN C 208 8.87 10.54 14.39
CA GLN C 208 9.02 9.27 15.08
C GLN C 208 10.41 9.26 15.68
N THR C 209 10.30 9.44 16.97
CA THR C 209 11.38 9.56 17.93
C THR C 209 12.12 8.25 18.29
N ASP C 210 11.37 7.11 18.25
CA ASP C 210 11.81 5.73 18.57
C ASP C 210 13.31 5.35 18.35
N ALA C 211 13.74 5.11 17.11
CA ALA C 211 15.12 4.72 16.80
C ALA C 211 16.23 5.50 17.57
N ASP C 212 16.13 6.79 17.76
CA ASP C 212 17.11 7.60 18.50
C ASP C 212 17.41 7.15 19.90
N VAL C 213 16.37 6.98 20.65
CA VAL C 213 16.57 6.35 21.93
C VAL C 213 16.47 4.91 21.59
N GLY C 214 17.08 4.12 22.40
CA GLY C 214 17.03 2.68 22.16
C GLY C 214 15.63 2.13 21.92
N SER C 215 14.52 2.83 22.31
CA SER C 215 13.14 2.30 22.19
C SER C 215 12.62 2.42 20.81
N PHE C 216 11.51 1.74 20.64
CA PHE C 216 10.89 1.72 19.37
C PHE C 216 9.56 1.04 19.55
N ASP C 217 8.62 1.49 18.76
CA ASP C 217 7.28 0.94 18.80
C ASP C 217 7.12 -0.03 17.64
N GLY C 218 7.40 -1.30 17.89
CA GLY C 218 7.34 -2.30 16.84
C GLY C 218 6.00 -2.91 16.48
N GLY C 219 4.89 -2.30 16.92
CA GLY C 219 3.60 -2.86 16.58
C GLY C 219 2.77 -1.90 15.74
N TYR C 220 1.63 -1.50 16.27
CA TYR C 220 0.77 -0.55 15.55
C TYR C 220 1.59 0.67 15.19
N GLY C 221 2.33 1.16 16.17
CA GLY C 221 3.17 2.31 15.97
C GLY C 221 3.91 2.29 14.65
N SER C 222 4.59 1.18 14.34
CA SER C 222 5.40 1.03 13.13
C SER C 222 4.77 0.19 12.04
N ALA C 223 4.58 -1.09 12.30
CA ALA C 223 4.00 -1.97 11.30
C ALA C 223 2.72 -1.44 10.67
N TYR C 224 1.83 -0.95 11.52
CA TYR C 224 0.56 -0.43 11.07
C TYR C 224 0.72 0.83 10.23
N LEU C 225 1.82 1.55 10.43
CA LEU C 225 2.06 2.78 9.65
C LEU C 225 2.25 2.40 8.18
N ALA C 226 2.87 1.26 7.95
CA ALA C 226 3.10 0.78 6.59
C ALA C 226 1.77 0.48 5.88
N ARG C 227 0.73 0.19 6.65
CA ARG C 227 -0.58 -0.12 6.08
C ARG C 227 -1.33 1.17 5.70
N GLN C 228 -0.68 2.30 5.91
CA GLN C 228 -1.26 3.61 5.61
C GLN C 228 -0.45 4.36 4.58
N VAL C 229 0.88 4.30 4.69
CA VAL C 229 1.74 5.00 3.77
C VAL C 229 2.62 4.09 2.93
N GLY C 230 2.51 2.78 3.13
CA GLY C 230 3.35 1.85 2.37
C GLY C 230 4.67 1.57 3.07
N GLN C 231 5.33 0.48 2.68
CA GLN C 231 6.59 0.06 3.30
C GLN C 231 7.79 1.02 3.14
N LYS C 232 7.93 1.64 1.98
CA LYS C 232 9.03 2.57 1.75
C LYS C 232 8.95 3.78 2.69
N PHE C 233 7.83 4.48 2.66
CA PHE C 233 7.66 5.66 3.51
C PHE C 233 7.69 5.31 4.99
N ALA C 234 7.01 4.23 5.37
CA ALA C 234 6.99 3.85 6.78
C ALA C 234 8.40 3.63 7.32
N ARG C 235 9.23 2.92 6.55
CA ARG C 235 10.61 2.64 6.95
C ARG C 235 11.40 3.93 7.04
N GLU C 236 11.14 4.85 6.12
CA GLU C 236 11.80 6.14 6.10
C GLU C 236 11.48 6.91 7.39
N ILE C 237 10.18 7.05 7.67
CA ILE C 237 9.74 7.77 8.85
C ILE C 237 10.42 7.28 10.13
N PHE C 238 10.50 5.96 10.29
CA PHE C 238 11.13 5.37 11.48
C PHE C 238 12.65 5.37 11.47
N PHE C 239 13.25 5.01 10.33
CA PHE C 239 14.71 4.95 10.25
C PHE C 239 15.44 6.29 10.38
N LEU C 240 14.93 7.35 9.75
CA LEU C 240 15.59 8.65 9.85
C LEU C 240 15.05 9.54 10.96
N GLY C 241 13.81 9.28 11.39
CA GLY C 241 13.21 10.09 12.45
C GLY C 241 13.11 11.56 12.11
N ARG C 242 12.82 11.87 10.84
CA ARG C 242 12.69 13.27 10.44
C ARG C 242 11.35 13.85 10.84
N THR C 243 11.26 15.18 10.81
CA THR C 243 10.04 15.89 11.16
C THR C 243 9.24 16.18 9.89
N TYR C 244 7.96 15.87 9.93
CA TYR C 244 7.09 16.11 8.78
C TYR C 244 5.88 16.97 9.12
N THR C 245 5.44 17.75 8.14
CA THR C 245 4.30 18.63 8.28
C THR C 245 3.02 17.84 8.01
N ALA C 246 1.89 18.49 8.23
CA ALA C 246 0.59 17.88 8.00
C ALA C 246 0.46 17.55 6.51
N GLU C 247 0.81 18.52 5.66
CA GLU C 247 0.71 18.35 4.22
C GLU C 247 1.54 17.18 3.70
N GLN C 248 2.79 17.04 4.16
CA GLN C 248 3.65 15.94 3.72
C GLN C 248 3.07 14.60 4.16
N MET C 249 2.59 14.54 5.40
CA MET C 249 2.02 13.32 5.94
C MET C 249 0.71 13.00 5.22
N HIS C 250 0.03 14.02 4.69
CA HIS C 250 -1.21 13.80 3.96
C HIS C 250 -0.87 13.20 2.59
N GLN C 251 0.21 13.69 2.00
CA GLN C 251 0.66 13.20 0.70
C GLN C 251 1.05 11.73 0.80
N MET C 252 1.67 11.34 1.92
CA MET C 252 2.08 9.95 2.10
C MET C 252 0.90 9.02 2.44
N GLY C 253 -0.17 9.59 2.99
CA GLY C 253 -1.33 8.79 3.31
C GLY C 253 -1.65 8.50 4.76
N ALA C 254 -0.95 9.16 5.68
CA ALA C 254 -1.20 8.96 7.12
C ALA C 254 -2.14 10.02 7.70
N VAL C 255 -2.32 11.12 6.96
CA VAL C 255 -3.23 12.20 7.38
C VAL C 255 -4.36 12.31 6.36
N ASN C 256 -5.60 12.15 6.83
CA ASN C 256 -6.77 12.23 5.94
C ASN C 256 -6.97 13.61 5.33
N ALA C 257 -6.76 14.65 6.13
CA ALA C 257 -6.95 16.00 5.62
C ALA C 257 -6.26 17.03 6.50
N VAL C 258 -5.82 18.10 5.86
CA VAL C 258 -5.15 19.21 6.52
C VAL C 258 -6.20 20.29 6.75
N ALA C 259 -6.13 20.96 7.90
CA ALA C 259 -7.10 22.00 8.22
C ALA C 259 -6.36 23.16 8.85
N GLU C 260 -6.95 24.36 8.75
CA GLU C 260 -6.35 25.53 9.36
C GLU C 260 -6.42 25.30 10.87
N HIS C 261 -5.33 25.64 11.56
CA HIS C 261 -5.24 25.43 13.01
C HIS C 261 -6.51 25.76 13.80
N ALA C 262 -7.01 26.98 13.62
CA ALA C 262 -8.20 27.43 14.34
C ALA C 262 -9.46 26.62 14.01
N GLU C 263 -9.48 25.99 12.84
CA GLU C 263 -10.61 25.18 12.37
C GLU C 263 -10.47 23.70 12.64
N LEU C 264 -9.30 23.28 13.10
CA LEU C 264 -9.04 21.87 13.32
C LEU C 264 -10.16 21.08 13.98
N GLU C 265 -10.66 21.57 15.11
CA GLU C 265 -11.73 20.87 15.81
C GLU C 265 -13.09 21.07 15.13
N THR C 266 -13.26 22.22 14.49
CA THR C 266 -14.52 22.50 13.79
C THR C 266 -14.66 21.47 12.66
N VAL C 267 -13.57 21.28 11.91
CA VAL C 267 -13.58 20.32 10.82
C VAL C 267 -13.76 18.92 11.39
N GLY C 268 -13.11 18.67 12.52
CA GLY C 268 -13.24 17.37 13.18
C GLY C 268 -14.67 17.10 13.57
N LEU C 269 -15.35 18.13 14.05
CA LEU C 269 -16.75 17.99 14.44
C LEU C 269 -17.62 17.75 13.21
N GLN C 270 -17.24 18.35 12.09
CA GLN C 270 -17.99 18.17 10.84
C GLN C 270 -17.85 16.71 10.41
N TRP C 271 -16.63 16.19 10.45
CA TRP C 271 -16.37 14.80 10.10
C TRP C 271 -17.13 13.84 11.00
N ALA C 272 -17.15 14.14 12.30
CA ALA C 272 -17.86 13.31 13.27
C ALA C 272 -19.37 13.34 13.06
N ALA C 273 -19.87 14.49 12.63
CA ALA C 273 -21.31 14.63 12.39
C ALA C 273 -21.70 13.78 11.18
N GLU C 274 -20.86 13.78 10.14
CA GLU C 274 -21.15 12.99 8.95
C GLU C 274 -21.10 11.51 9.29
N ILE C 275 -20.19 11.12 10.18
CA ILE C 275 -20.06 9.73 10.59
C ILE C 275 -21.26 9.30 11.43
N ASN C 276 -21.68 10.18 12.33
CA ASN C 276 -22.81 9.86 13.20
C ASN C 276 -24.15 9.87 12.49
N ALA C 277 -24.22 10.48 11.32
CA ALA C 277 -25.48 10.53 10.58
C ALA C 277 -25.82 9.20 9.89
N LYS C 278 -24.87 8.28 9.86
CA LYS C 278 -25.11 6.98 9.24
C LYS C 278 -25.50 5.93 10.28
N SER C 279 -25.77 4.73 9.79
CA SER C 279 -26.15 3.61 10.66
C SER C 279 -25.01 3.23 11.63
N PRO C 280 -25.24 3.37 12.94
CA PRO C 280 -24.23 3.04 13.96
C PRO C 280 -23.74 1.60 13.81
N GLN C 281 -24.68 0.72 13.52
CA GLN C 281 -24.44 -0.70 13.34
C GLN C 281 -23.48 -0.95 12.17
N ALA C 282 -23.74 -0.26 11.06
CA ALA C 282 -22.93 -0.40 9.86
C ALA C 282 -21.50 0.11 10.09
N GLN C 283 -21.39 1.25 10.77
CA GLN C 283 -20.09 1.86 11.06
C GLN C 283 -19.26 0.93 11.92
N ARG C 284 -19.92 0.29 12.87
CA ARG C 284 -19.31 -0.65 13.78
C ARG C 284 -18.75 -1.88 13.02
N MET C 285 -19.57 -2.42 12.13
CA MET C 285 -19.20 -3.57 11.32
C MET C 285 -18.05 -3.21 10.39
N LEU C 286 -18.14 -2.02 9.79
CA LEU C 286 -17.11 -1.55 8.87
C LEU C 286 -15.75 -1.41 9.54
N LYS C 287 -15.72 -0.86 10.74
CA LYS C 287 -14.45 -0.69 11.44
C LYS C 287 -13.78 -2.03 11.68
N PHE C 288 -14.55 -3.01 12.13
CA PHE C 288 -13.98 -4.32 12.38
C PHE C 288 -13.64 -5.06 11.08
N ALA C 289 -14.32 -4.70 9.98
CA ALA C 289 -14.02 -5.32 8.69
C ALA C 289 -12.63 -4.84 8.30
N PHE C 290 -12.38 -3.56 8.50
CA PHE C 290 -11.07 -2.99 8.18
C PHE C 290 -9.97 -3.54 9.08
N ASN C 291 -10.28 -3.70 10.37
CA ASN C 291 -9.31 -4.22 11.34
C ASN C 291 -9.01 -5.71 11.10
N LEU C 292 -10.07 -6.47 10.80
CA LEU C 292 -10.02 -7.92 10.59
C LEU C 292 -8.83 -8.40 9.80
N LEU C 293 -8.39 -7.51 8.97
CA LEU C 293 -7.28 -7.66 8.06
C LEU C 293 -6.00 -8.05 8.72
N ASP C 294 -5.53 -7.07 9.42
CA ASP C 294 -4.25 -7.08 10.09
C ASP C 294 -4.30 -7.56 11.54
N ASP C 295 -5.49 -7.77 12.07
CA ASP C 295 -5.59 -8.21 13.48
C ASP C 295 -5.80 -9.72 13.71
N GLY C 296 -5.65 -10.52 12.66
CA GLY C 296 -5.82 -11.96 12.81
C GLY C 296 -7.03 -12.43 13.59
N LEU C 297 -6.84 -13.43 14.46
CA LEU C 297 -7.95 -13.97 15.24
C LEU C 297 -8.64 -12.95 16.12
N VAL C 298 -7.89 -11.96 16.59
CA VAL C 298 -8.48 -10.93 17.44
C VAL C 298 -9.49 -10.16 16.59
N GLY C 299 -9.09 -9.81 15.37
CA GLY C 299 -9.96 -9.09 14.47
C GLY C 299 -11.19 -9.93 14.14
N GLN C 300 -10.98 -11.23 13.92
CA GLN C 300 -12.09 -12.11 13.59
C GLN C 300 -13.05 -12.19 14.77
N GLN C 301 -12.51 -12.25 15.98
CA GLN C 301 -13.35 -12.33 17.17
C GLN C 301 -14.25 -11.09 17.31
N LEU C 302 -13.67 -9.92 17.09
CA LEU C 302 -14.45 -8.70 17.19
C LEU C 302 -15.52 -8.63 16.11
N PHE C 303 -15.15 -8.92 14.87
CA PHE C 303 -16.10 -8.88 13.78
C PHE C 303 -17.19 -9.93 13.98
N ALA C 304 -16.78 -11.17 14.28
CA ALA C 304 -17.72 -12.26 14.48
C ALA C 304 -18.61 -11.91 15.66
N GLY C 305 -18.04 -11.28 16.67
CA GLY C 305 -18.81 -10.88 17.83
C GLY C 305 -19.98 -10.00 17.42
N GLU C 306 -19.74 -9.12 16.46
CA GLU C 306 -20.80 -8.23 15.97
C GLU C 306 -21.80 -9.00 15.14
N ALA C 307 -21.28 -9.89 14.30
CA ALA C 307 -22.16 -10.70 13.47
C ALA C 307 -23.18 -11.37 14.37
N THR C 308 -22.71 -12.07 15.40
CA THR C 308 -23.59 -12.77 16.33
C THR C 308 -24.60 -11.83 16.99
N ARG C 309 -24.21 -10.57 17.19
CA ARG C 309 -25.11 -9.61 17.79
C ARG C 309 -26.29 -9.34 16.87
N LEU C 310 -26.08 -9.56 15.58
CA LEU C 310 -27.13 -9.34 14.59
C LEU C 310 -28.00 -10.59 14.46
N1A COA D . -31.56 2.03 -6.18
C2A COA D . -32.77 2.39 -6.82
N3A COA D . -32.91 3.46 -7.72
C4A COA D . -31.76 4.18 -7.98
C5A COA D . -30.48 3.89 -7.36
C6A COA D . -30.41 2.75 -6.42
N6A COA D . -29.17 2.47 -5.83
N7A COA D . -29.45 4.76 -7.77
C8A COA D . -30.04 5.60 -8.62
N9A COA D . -31.41 5.30 -8.77
C1B COA D . -32.36 6.05 -9.65
C2B COA D . -33.24 6.92 -8.76
O2B COA D . -34.26 6.12 -8.12
C3B COA D . -33.79 7.94 -9.73
O3B COA D . -34.93 7.44 -10.45
P3B COA D . -36.17 8.41 -10.99
O7A COA D . -36.76 7.62 -12.19
O8A COA D . -35.54 9.77 -11.36
O9A COA D . -37.10 8.63 -9.77
C4B COA D . -32.56 8.28 -10.63
O4B COA D . -31.75 7.14 -10.51
C5B COA D . -31.69 9.53 -10.25
O5B COA D . -31.52 10.58 -9.34
P1A COA D . -30.77 11.22 -8.01
O1A COA D . -31.00 10.32 -6.83
O2A COA D . -31.35 12.60 -7.79
O3A COA D . -29.28 11.13 -8.31
P2A COA D . -27.99 12.11 -8.57
O4A COA D . -28.04 12.74 -9.88
O5A COA D . -27.98 13.17 -7.50
O6A COA D . -26.76 11.10 -8.25
CBP COA D . -26.65 9.18 -6.53
CCP COA D . -26.90 9.69 -8.04
CDP COA D . -25.53 8.07 -6.52
CEP COA D . -26.25 10.47 -5.81
CAP COA D . -28.01 8.42 -5.85
OAP COA D . -28.66 7.55 -6.86
C9P COA D . -27.72 7.47 -4.61
O9P COA D . -28.22 6.32 -4.38
O2S EP1 E . -0.53 -2.75 3.15
O2S EP1 E . -0.28 -2.90 2.88
O2S EP1 E . -0.50 -3.27 1.30
S EP1 E . -1.04 -2.11 1.93
S EP1 E . -0.99 -2.06 1.90
S EP1 E . -1.07 -2.01 1.81
O3S EP1 E . -0.34 -2.66 0.76
O3S EP1 E . -0.52 -2.38 0.54
O3S EP1 E . -2.49 -2.25 2.17
O1S EP1 E . -2.49 -2.35 1.82
O1S EP1 E . -2.44 -2.32 1.99
O1S EP1 E . -0.34 -1.57 3.01
C11 EP1 E . -0.74 -0.45 2.04
C11 EP1 E . -0.69 -0.46 2.23
C11 EP1 E . -0.97 -0.84 0.63
C10 EP1 E . -1.22 0.26 0.77
C10 EP1 E . -0.28 0.29 0.96
C10 EP1 E . -1.56 0.50 1.09
C9 EP1 E . -0.05 0.87 -0.03
C9 EP1 E . -1.41 1.20 0.46
C9 EP1 E . -0.47 1.52 1.46
N1 EP1 E . -0.36 2.28 -0.29
N1 EP1 E . -0.81 2.45 0.02
N1 EP1 E . -0.47 2.60 0.46
C2 EP1 E . -1.29 2.55 -1.40
C2 EP1 E . -0.51 3.45 1.06
C2 EP1 E . 0.57 2.51 -0.58
C3 EP1 E . -1.59 4.04 -1.65
C3 EP1 E . 0.12 4.75 0.58
C3 EP1 E . 0.56 3.64 -1.61
N4 EP1 E . -0.96 5.11 -0.82
N4 EP1 E . 0.41 4.96 -0.87
N4 EP1 E . -0.45 4.75 -1.54
C5 EP1 E . -0.02 4.72 0.29
C5 EP1 E . 0.07 3.90 -1.86
C5 EP1 E . -1.47 4.75 -0.45
C6 EP1 E . 0.30 3.26 0.58
C6 EP1 E . -0.57 2.58 -1.41
C6 EP1 E . -1.49 3.63 0.60
C7 EP1 E . -2.03 5.98 -0.24
C7 EP1 E . 1.85 5.28 -1.01
C7 EP1 E . -1.15 4.83 -2.86
C8 EP1 E . -2.23 7.25 -1.08
C8 EP1 E . 2.07 6.73 -1.39
C8 EP1 E . -0.46 5.83 -3.81
O8 EP1 E . -1.11 8.11 -0.93
O8 EP1 E . 1.92 7.53 -0.25
O8 EP1 E . -0.94 7.14 -3.55
#